data_1NC4
#
_entry.id   1NC4
#
_cell.length_a   67.569
_cell.length_b   82.239
_cell.length_c   160.934
_cell.angle_alpha   90.00
_cell.angle_beta   90.00
_cell.angle_gamma   90.00
#
_symmetry.space_group_name_H-M   'P 21 21 21'
#
loop_
_entity.id
_entity.type
_entity.pdbx_description
1 polymer 'MONOCLONAL ANTIBODY 2D12.5, LAMBDA LIGHT CHAIN'
2 polymer 'MONOCLONAL ANTIBODY 2D12.5, IGG1 GAMMA HEAVY CHAIN'
3 polymer 'MONOCLONAL ANTIBODY 2D12.5, IGG1 GAMMA HEAVY CHAIN'
4 non-polymer 'CHLORIDE ION'
5 non-polymer "(S)-2-(4-NITROBENZYL)-1,4,7,10-TETRAAZACYCLODODECANE-N,N',N'',N'''-TETRAACETATE"
6 non-polymer 'GADOLINIUM ION'
7 non-polymer 2-acetamido-2-deoxy-beta-D-glucopyranose
8 water water
#
loop_
_entity_poly.entity_id
_entity_poly.type
_entity_poly.pdbx_seq_one_letter_code
_entity_poly.pdbx_strand_id
1 'polypeptide(L)'
;QAVVTQESALTTSPGETVTLTCRSSTGAVTTSNYANWVQEKPDHLFTGLIGGNNNRPPGVPARFSGSLIGDKAALTIAGT
QTEDEAIYFCALWYSNHWVFGGGTRLTVLGQPKSSPSVTLFPPSSEELETNKATLVCTITDFYPGVVTVDWKVDGTPVTQ
GMETTQPSKQSNNKYMASSYLTLTARAWERHSSYSCQVTHEGHTVEKSLSPAECS
;
A,C
2 'polypeptide(L)'
;(PCA)VKLQESGPGLVQPSQSLSITCTVSGFSLTDYGVHWVRQSPGKGLEWLGVIWSGGGTAYTAAFISRLNIYKDNSKN
QVFFEMNSLQANDTAMYYCARRGSYPYNYFDVWGQGTTVTVSSAKTTPPSVYPLAPGSAAQTNSMVTLGCLVKGYFPEPV
TVTWNSGSLSSGVHTFPAVLQSDLYTLSSSVTVPSSTWPSETVTCNVAHPASSTKVDKKIVPRDC
;
B
3 'polypeptide(L)'
;QVKLQESGPGLVQPSQSLSITCTVSGFSLTDYGVHWVRQSPGKGLEWLGVIWSGGGTAYTAAFISRLNIYKDNSKNQVFF
EMNSLQANDTAMYYCARRGSYPYNYFDVWGQGTTVTVSSAKTTPPSVYPLAPGSAAQTNSMVTLGCLVKGYFPEPVTVTW
NSGSLSSGVHTFPAVLQSDLYTLSSSVTVPSSTWPSETVTCNVAHPASSTKVDKKIVPRDC
;
D
#
loop_
_chem_comp.id
_chem_comp.type
_chem_comp.name
_chem_comp.formula
CL non-polymer 'CHLORIDE ION' 'Cl -1'
DOF non-polymer (S)-2-(4-NITROBENZYL)-1,4,7,10-TETRAAZACYCLODODECANE-N,N',N'',N'''-TETRAACETATE 'C23 H33 N5 O10'
GD3 non-polymer 'GADOLINIUM ION' 'Gd 3'
NAG D-saccharide, beta linking 2-acetamido-2-deoxy-beta-D-glucopyranose 'C8 H15 N O6'
#
# COMPACT_ATOMS: atom_id res chain seq x y z
N GLN A 1 -14.80 -29.04 3.52
CA GLN A 1 -15.52 -28.47 4.71
C GLN A 1 -15.76 -26.97 4.55
N ALA A 2 -16.43 -26.37 5.54
CA ALA A 2 -16.76 -24.94 5.55
C ALA A 2 -15.59 -23.99 5.68
N VAL A 3 -15.66 -22.87 4.97
CA VAL A 3 -14.63 -21.85 5.01
C VAL A 3 -15.18 -20.72 5.90
N VAL A 4 -14.36 -20.30 6.87
CA VAL A 4 -14.73 -19.23 7.79
C VAL A 4 -13.89 -18.02 7.34
N THR A 5 -14.59 -16.95 6.98
CA THR A 5 -14.00 -15.72 6.46
C THR A 5 -14.01 -14.56 7.45
N GLN A 6 -12.86 -13.92 7.59
CA GLN A 6 -12.65 -12.75 8.45
C GLN A 6 -11.97 -11.65 7.59
N GLU A 7 -12.07 -10.38 8.01
CA GLU A 7 -11.39 -9.28 7.29
C GLU A 7 -9.89 -9.53 7.42
N SER A 8 -9.14 -9.26 6.36
CA SER A 8 -7.69 -9.50 6.34
C SER A 8 -6.94 -8.71 7.39
N ALA A 9 -7.25 -7.41 7.46
CA ALA A 9 -6.62 -6.51 8.40
C ALA A 9 -7.43 -5.26 8.61
N LEU A 10 -7.32 -4.70 9.80
CA LEU A 10 -8.01 -3.47 10.16
C LEU A 10 -7.00 -2.55 10.80
N THR A 11 -7.19 -1.26 10.60
CA THR A 11 -6.31 -0.26 11.19
C THR A 11 -7.17 0.76 11.92
N THR A 12 -6.85 1.00 13.20
CA THR A 12 -7.54 1.98 14.06
C THR A 12 -6.54 2.87 14.78
N SER A 13 -7.07 3.88 15.45
CA SER A 13 -6.31 4.84 16.25
C SER A 13 -6.78 4.51 17.68
N PRO A 14 -5.98 4.84 18.73
CA PRO A 14 -6.43 4.51 20.09
C PRO A 14 -7.74 5.17 20.50
N GLY A 15 -8.58 4.38 21.16
CA GLY A 15 -9.87 4.87 21.63
C GLY A 15 -11.00 4.60 20.70
N GLU A 16 -10.71 4.15 19.48
CA GLU A 16 -11.76 3.85 18.51
C GLU A 16 -12.43 2.52 18.75
N THR A 17 -13.70 2.45 18.37
CA THR A 17 -14.47 1.21 18.48
C THR A 17 -14.43 0.53 17.12
N VAL A 18 -14.04 -0.74 17.13
CA VAL A 18 -13.97 -1.53 15.90
C VAL A 18 -14.74 -2.86 16.08
N THR A 19 -15.29 -3.35 14.96
CA THR A 19 -16.05 -4.58 14.91
C THR A 19 -15.43 -5.53 13.85
N LEU A 20 -14.90 -6.67 14.30
CA LEU A 20 -14.30 -7.65 13.39
C LEU A 20 -15.39 -8.71 13.17
N THR A 21 -15.53 -9.19 11.94
CA THR A 21 -16.55 -10.18 11.62
C THR A 21 -16.00 -11.56 11.28
N CYS A 22 -16.84 -12.57 11.49
CA CYS A 22 -16.51 -13.98 11.27
C CYS A 22 -17.71 -14.60 10.56
N ARG A 23 -17.52 -14.91 9.27
CA ARG A 23 -18.58 -15.43 8.42
C ARG A 23 -18.43 -16.88 8.03
N SER A 24 -19.56 -17.58 7.94
CA SER A 24 -19.61 -18.99 7.55
C SER A 24 -20.05 -19.13 6.09
N SER A 25 -19.33 -19.96 5.33
CA SER A 25 -19.62 -20.21 3.90
C SER A 25 -20.83 -21.11 3.64
N THR A 26 -21.23 -21.88 4.65
CA THR A 26 -22.35 -22.81 4.53
C THR A 26 -23.69 -22.26 5.00
N GLY A 27 -23.68 -21.01 5.45
CA GLY A 27 -24.90 -20.37 5.92
C GLY A 27 -24.65 -19.46 7.10
N ALA A 28 -25.73 -19.04 7.75
CA ALA A 28 -25.70 -18.18 8.93
C ALA A 28 -24.93 -18.77 10.11
N VAL A 29 -24.25 -17.90 10.86
CA VAL A 29 -23.53 -18.32 12.05
C VAL A 29 -24.57 -18.22 13.16
N THR A 30 -24.78 -19.31 13.89
CA THR A 30 -25.76 -19.32 15.00
C THR A 30 -25.07 -19.64 16.32
N THR A 31 -25.84 -19.63 17.42
CA THR A 31 -25.32 -19.95 18.75
C THR A 31 -24.78 -21.39 18.80
N SER A 32 -25.30 -22.24 17.93
CA SER A 32 -24.88 -23.63 17.87
C SER A 32 -23.50 -23.79 17.21
N ASN A 33 -22.91 -22.66 16.77
CA ASN A 33 -21.56 -22.64 16.20
C ASN A 33 -20.57 -22.27 17.30
N TYR A 34 -21.10 -21.88 18.46
CA TYR A 34 -20.32 -21.50 19.65
C TYR A 34 -19.04 -20.72 19.33
N ALA A 35 -19.20 -19.60 18.63
CA ALA A 35 -18.08 -18.75 18.19
C ALA A 35 -17.09 -18.35 19.28
N ASN A 36 -15.82 -18.77 19.09
CA ASN A 36 -14.71 -18.46 20.00
C ASN A 36 -13.82 -17.47 19.29
N TRP A 37 -13.07 -16.68 20.06
CA TRP A 37 -12.09 -15.72 19.55
C TRP A 37 -10.79 -15.94 20.31
N VAL A 38 -9.70 -15.99 19.54
CA VAL A 38 -8.36 -16.21 20.08
C VAL A 38 -7.47 -15.06 19.60
N GLN A 39 -6.53 -14.65 20.44
CA GLN A 39 -5.61 -13.58 20.11
C GLN A 39 -4.18 -14.09 19.94
N GLU A 40 -3.54 -13.68 18.85
CA GLU A 40 -2.14 -14.04 18.60
C GLU A 40 -1.30 -12.79 18.78
N LYS A 41 -0.31 -12.87 19.66
CA LYS A 41 0.64 -11.78 19.95
C LYS A 41 2.02 -12.17 19.35
N PRO A 42 2.90 -11.17 19.03
CA PRO A 42 4.22 -11.44 18.46
C PRO A 42 5.03 -12.50 19.19
N ASP A 43 5.69 -13.33 18.37
CA ASP A 43 6.52 -14.47 18.76
C ASP A 43 5.59 -15.69 18.93
N HIS A 44 4.56 -15.75 18.07
CA HIS A 44 3.57 -16.85 18.00
C HIS A 44 2.91 -17.29 19.32
N LEU A 45 2.55 -16.31 20.14
CA LEU A 45 1.92 -16.54 21.43
C LEU A 45 0.40 -16.32 21.33
N PHE A 46 -0.35 -17.39 21.56
CA PHE A 46 -1.81 -17.37 21.49
C PHE A 46 -2.49 -17.42 22.84
N THR A 47 -3.54 -16.60 23.01
CA THR A 47 -4.34 -16.55 24.23
C THR A 47 -5.84 -16.39 23.91
N GLY A 48 -6.67 -17.09 24.67
CA GLY A 48 -8.12 -17.02 24.47
C GLY A 48 -8.71 -15.70 24.89
N LEU A 49 -9.62 -15.19 24.08
CA LEU A 49 -10.28 -13.91 24.37
C LEU A 49 -11.75 -14.09 24.71
N ILE A 50 -12.47 -14.83 23.87
CA ILE A 50 -13.92 -15.04 24.05
C ILE A 50 -14.26 -16.50 23.87
N GLY A 51 -15.15 -17.01 24.72
CA GLY A 51 -15.58 -18.38 24.67
C GLY A 51 -16.84 -18.66 23.88
N GLY A 52 -17.27 -19.93 23.94
CA GLY A 52 -18.44 -20.40 23.21
C GLY A 52 -19.78 -19.77 23.50
N ASN A 53 -19.91 -19.15 24.68
CA ASN A 53 -21.14 -18.48 25.11
C ASN A 53 -20.89 -17.01 25.41
N ASN A 54 -19.99 -16.41 24.60
CA ASN A 54 -19.59 -15.00 24.68
C ASN A 54 -18.99 -14.61 26.03
N ASN A 55 -18.38 -15.60 26.67
CA ASN A 55 -17.75 -15.44 27.98
C ASN A 55 -16.24 -15.17 27.87
N ARG A 56 -15.78 -14.20 28.67
CA ARG A 56 -14.38 -13.83 28.70
C ARG A 56 -13.62 -14.56 29.81
N PRO A 57 -12.37 -14.99 29.52
CA PRO A 57 -11.53 -15.67 30.52
C PRO A 57 -11.15 -14.63 31.58
N PRO A 58 -10.77 -15.07 32.80
CA PRO A 58 -10.38 -14.11 33.86
C PRO A 58 -9.18 -13.28 33.38
N GLY A 59 -9.31 -11.96 33.46
CA GLY A 59 -8.21 -11.09 33.05
C GLY A 59 -8.28 -10.51 31.66
N VAL A 60 -9.24 -10.96 30.84
CA VAL A 60 -9.42 -10.39 29.50
C VAL A 60 -10.24 -9.11 29.74
N PRO A 61 -9.76 -7.95 29.23
CA PRO A 61 -10.47 -6.67 29.39
C PRO A 61 -11.89 -6.65 28.89
N ALA A 62 -12.75 -5.96 29.64
CA ALA A 62 -14.16 -5.82 29.30
C ALA A 62 -14.46 -5.13 27.96
N ARG A 63 -13.47 -4.47 27.35
CA ARG A 63 -13.66 -3.82 26.03
C ARG A 63 -13.88 -4.85 24.90
N PHE A 64 -13.48 -6.10 25.16
CA PHE A 64 -13.65 -7.18 24.20
C PHE A 64 -14.97 -7.88 24.47
N SER A 65 -15.88 -7.88 23.49
CA SER A 65 -17.14 -8.61 23.62
C SER A 65 -17.47 -9.33 22.32
N GLY A 66 -18.02 -10.54 22.46
CA GLY A 66 -18.39 -11.35 21.32
C GLY A 66 -19.89 -11.33 21.15
N SER A 67 -20.35 -11.42 19.90
CA SER A 67 -21.77 -11.43 19.59
C SER A 67 -22.03 -11.97 18.19
N LEU A 68 -23.32 -12.03 17.86
CA LEU A 68 -23.82 -12.44 16.56
C LEU A 68 -24.53 -11.20 16.03
N ILE A 69 -24.14 -10.76 14.83
CA ILE A 69 -24.78 -9.58 14.22
C ILE A 69 -25.33 -10.09 12.90
N GLY A 70 -26.65 -10.32 12.89
CA GLY A 70 -27.32 -10.84 11.71
C GLY A 70 -26.90 -12.28 11.49
N ASP A 71 -26.31 -12.53 10.32
CA ASP A 71 -25.87 -13.87 9.95
C ASP A 71 -24.39 -14.21 10.25
N LYS A 72 -23.68 -13.31 10.94
CA LYS A 72 -22.28 -13.54 11.27
C LYS A 72 -21.87 -13.32 12.73
N ALA A 73 -20.71 -13.87 13.11
CA ALA A 73 -20.16 -13.67 14.45
C ALA A 73 -19.30 -12.41 14.45
N ALA A 74 -19.19 -11.76 15.61
CA ALA A 74 -18.41 -10.52 15.71
C ALA A 74 -17.72 -10.29 17.04
N LEU A 75 -16.60 -9.57 16.95
CA LEU A 75 -15.80 -9.20 18.10
C LEU A 75 -15.76 -7.70 18.07
N THR A 76 -16.32 -7.09 19.10
CA THR A 76 -16.29 -5.65 19.23
C THR A 76 -15.22 -5.31 20.27
N ILE A 77 -14.37 -4.34 19.93
CA ILE A 77 -13.33 -3.85 20.85
C ILE A 77 -13.77 -2.39 21.06
N ALA A 78 -14.32 -2.13 22.24
CA ALA A 78 -14.83 -0.81 22.59
C ALA A 78 -13.77 0.10 23.21
N GLY A 79 -12.99 0.72 22.32
CA GLY A 79 -11.92 1.61 22.74
C GLY A 79 -10.61 0.89 22.57
N THR A 80 -10.13 0.80 21.34
CA THR A 80 -8.89 0.10 21.02
C THR A 80 -7.67 0.69 21.73
N GLN A 81 -6.88 -0.22 22.31
CA GLN A 81 -5.65 0.16 23.00
C GLN A 81 -4.45 -0.31 22.21
N THR A 82 -3.30 0.30 22.51
CA THR A 82 -2.00 0.01 21.89
C THR A 82 -1.66 -1.48 22.03
N GLU A 83 -1.93 -2.05 23.21
CA GLU A 83 -1.67 -3.48 23.48
C GLU A 83 -2.58 -4.45 22.71
N ASP A 84 -3.63 -3.94 22.05
CA ASP A 84 -4.57 -4.77 21.28
C ASP A 84 -4.09 -5.08 19.87
N GLU A 85 -2.95 -4.49 19.49
CA GLU A 85 -2.32 -4.74 18.20
C GLU A 85 -1.96 -6.23 18.22
N ALA A 86 -2.60 -7.00 17.35
CA ALA A 86 -2.41 -8.45 17.29
C ALA A 86 -3.19 -9.01 16.12
N ILE A 87 -3.21 -10.33 16.02
CA ILE A 87 -3.98 -11.02 15.00
C ILE A 87 -5.11 -11.72 15.74
N TYR A 88 -6.34 -11.52 15.26
CA TYR A 88 -7.53 -12.11 15.88
C TYR A 88 -8.15 -13.21 15.06
N PHE A 89 -8.26 -14.37 15.68
CA PHE A 89 -8.83 -15.54 15.02
C PHE A 89 -10.14 -15.92 15.66
N CYS A 90 -11.13 -16.24 14.83
CA CYS A 90 -12.40 -16.74 15.34
C CYS A 90 -12.42 -18.24 15.02
N ALA A 91 -13.23 -19.00 15.72
CA ALA A 91 -13.34 -20.44 15.46
C ALA A 91 -14.79 -20.82 15.58
N LEU A 92 -15.30 -21.53 14.57
CA LEU A 92 -16.70 -21.94 14.55
C LEU A 92 -16.87 -23.46 14.66
N TRP A 93 -17.84 -23.88 15.48
CA TRP A 93 -18.13 -25.30 15.68
C TRP A 93 -19.19 -25.80 14.68
N TYR A 94 -18.90 -26.91 14.00
CA TYR A 94 -19.85 -27.49 13.04
C TYR A 94 -20.17 -28.96 13.37
N SER A 95 -20.95 -29.17 14.44
CA SER A 95 -21.38 -30.49 14.91
C SER A 95 -20.32 -31.52 15.32
N ASN A 96 -19.21 -31.60 14.59
CA ASN A 96 -18.14 -32.56 14.90
C ASN A 96 -16.70 -32.11 14.54
N HIS A 97 -16.51 -30.81 14.38
CA HIS A 97 -15.20 -30.21 14.07
C HIS A 97 -15.23 -28.69 14.21
N TRP A 98 -14.06 -28.11 14.50
CA TRP A 98 -13.94 -26.66 14.59
C TRP A 98 -13.25 -26.23 13.32
N VAL A 99 -13.51 -24.98 12.91
CA VAL A 99 -12.84 -24.40 11.75
C VAL A 99 -12.45 -22.97 12.13
N PHE A 100 -11.16 -22.66 11.99
CA PHE A 100 -10.69 -21.31 12.26
C PHE A 100 -10.81 -20.45 11.02
N GLY A 101 -11.07 -19.16 11.26
CA GLY A 101 -11.10 -18.16 10.20
C GLY A 101 -9.67 -17.84 9.84
N GLY A 102 -9.47 -17.04 8.80
CA GLY A 102 -8.13 -16.70 8.34
C GLY A 102 -7.35 -15.67 9.12
N GLY A 103 -8.01 -15.08 10.12
CA GLY A 103 -7.39 -14.07 10.97
C GLY A 103 -7.46 -12.63 10.54
N THR A 104 -7.63 -11.72 11.52
CA THR A 104 -7.67 -10.29 11.25
C THR A 104 -6.54 -9.63 12.02
N ARG A 105 -5.61 -9.03 11.29
CA ARG A 105 -4.49 -8.32 11.90
C ARG A 105 -4.98 -6.91 12.22
N LEU A 106 -4.87 -6.52 13.49
CA LEU A 106 -5.29 -5.20 13.91
C LEU A 106 -4.06 -4.35 14.15
N THR A 107 -3.99 -3.20 13.49
CA THR A 107 -2.90 -2.26 13.65
C THR A 107 -3.49 -1.04 14.37
N VAL A 108 -2.80 -0.59 15.42
CA VAL A 108 -3.23 0.57 16.20
C VAL A 108 -2.20 1.67 15.94
N LEU A 109 -2.65 2.78 15.36
CA LEU A 109 -1.78 3.91 15.04
C LEU A 109 -1.53 4.83 16.24
N GLY A 110 -0.86 5.96 15.98
CA GLY A 110 -0.56 6.96 17.00
C GLY A 110 0.32 6.59 18.19
N GLN A 111 1.14 5.56 18.03
CA GLN A 111 2.05 5.12 19.10
C GLN A 111 3.30 6.02 19.09
N PRO A 112 3.99 6.19 20.26
CA PRO A 112 5.20 7.04 20.33
C PRO A 112 6.34 6.72 19.35
N LYS A 113 6.77 7.77 18.64
CA LYS A 113 7.86 7.69 17.66
C LYS A 113 9.20 7.44 18.35
N SER A 114 10.06 6.65 17.71
CA SER A 114 11.39 6.32 18.25
C SER A 114 12.35 5.99 17.11
N SER A 115 13.51 6.65 17.13
CA SER A 115 14.56 6.47 16.12
C SER A 115 15.45 5.24 16.42
N PRO A 116 16.01 4.59 15.38
CA PRO A 116 16.86 3.41 15.57
C PRO A 116 18.24 3.56 16.20
N SER A 117 18.62 2.50 16.91
CA SER A 117 19.90 2.38 17.59
C SER A 117 20.66 1.35 16.74
N VAL A 118 21.72 1.81 16.09
CA VAL A 118 22.52 0.96 15.19
C VAL A 118 23.86 0.55 15.77
N THR A 119 24.25 -0.71 15.50
CA THR A 119 25.54 -1.26 15.92
C THR A 119 26.11 -2.07 14.76
N LEU A 120 27.32 -1.72 14.33
CA LEU A 120 28.01 -2.44 13.25
C LEU A 120 29.15 -3.29 13.83
N PHE A 121 29.07 -4.59 13.55
CA PHE A 121 30.04 -5.57 14.01
C PHE A 121 31.00 -6.07 12.92
N PRO A 122 32.32 -6.15 13.22
CA PRO A 122 33.32 -6.62 12.25
C PRO A 122 33.32 -8.16 12.22
N PRO A 123 33.84 -8.79 11.13
CA PRO A 123 33.86 -10.25 11.10
C PRO A 123 34.83 -10.85 12.10
N SER A 124 34.48 -12.03 12.58
CA SER A 124 35.27 -12.77 13.56
C SER A 124 36.57 -13.30 12.96
N SER A 125 37.58 -13.52 13.80
CA SER A 125 38.87 -14.06 13.37
C SER A 125 38.71 -15.53 13.06
N GLU A 126 37.82 -16.19 13.81
CA GLU A 126 37.50 -17.61 13.64
C GLU A 126 36.77 -17.86 12.33
N GLU A 127 36.19 -16.79 11.77
CA GLU A 127 35.47 -16.85 10.50
C GLU A 127 36.41 -16.68 9.33
N LEU A 128 37.42 -15.83 9.51
CA LEU A 128 38.42 -15.56 8.48
C LEU A 128 39.34 -16.76 8.23
N GLU A 129 39.34 -17.71 9.16
CA GLU A 129 40.14 -18.93 9.06
C GLU A 129 39.44 -19.97 8.18
N THR A 130 38.19 -19.67 7.81
CA THR A 130 37.37 -20.52 6.94
C THR A 130 37.22 -19.75 5.62
N ASN A 131 37.99 -18.66 5.51
CA ASN A 131 38.04 -17.75 4.36
C ASN A 131 36.72 -17.08 3.96
N LYS A 132 35.93 -16.76 4.99
CA LYS A 132 34.62 -16.09 4.88
C LYS A 132 34.62 -14.87 5.81
N ALA A 133 33.82 -13.85 5.47
CA ALA A 133 33.73 -12.64 6.29
C ALA A 133 32.33 -12.00 6.26
N THR A 134 31.63 -12.03 7.40
CA THR A 134 30.29 -11.45 7.49
C THR A 134 30.22 -10.27 8.45
N LEU A 135 29.64 -9.16 7.98
CA LEU A 135 29.45 -7.96 8.79
C LEU A 135 27.99 -7.90 9.20
N VAL A 136 27.76 -7.70 10.50
CA VAL A 136 26.43 -7.66 11.07
C VAL A 136 26.06 -6.25 11.52
N CYS A 137 24.89 -5.80 11.06
CA CYS A 137 24.37 -4.48 11.41
C CYS A 137 23.04 -4.69 12.11
N THR A 138 23.06 -4.49 13.42
CA THR A 138 21.87 -4.66 14.23
C THR A 138 21.12 -3.35 14.40
N ILE A 139 19.82 -3.38 14.12
CA ILE A 139 18.97 -2.19 14.20
C ILE A 139 17.98 -2.46 15.33
N THR A 140 17.97 -1.59 16.32
CA THR A 140 17.15 -1.77 17.51
C THR A 140 16.31 -0.53 17.93
N ASP A 141 15.27 -0.75 18.73
CA ASP A 141 14.37 0.30 19.27
C ASP A 141 13.74 1.34 18.34
N PHE A 142 13.19 0.90 17.21
CA PHE A 142 12.54 1.83 16.29
C PHE A 142 11.04 1.68 16.12
N TYR A 143 10.37 2.80 15.92
CA TYR A 143 8.93 2.88 15.66
C TYR A 143 8.70 4.10 14.76
N PRO A 144 7.99 3.93 13.60
CA PRO A 144 7.34 2.76 12.98
C PRO A 144 8.30 1.69 12.44
N GLY A 145 7.79 0.46 12.33
CA GLY A 145 8.57 -0.65 11.84
C GLY A 145 8.81 -0.67 10.35
N VAL A 146 9.44 0.39 9.85
CA VAL A 146 9.78 0.52 8.44
C VAL A 146 11.17 1.11 8.37
N VAL A 147 12.07 0.37 7.72
CA VAL A 147 13.44 0.79 7.61
C VAL A 147 14.10 0.33 6.29
N THR A 148 15.03 1.15 5.80
CA THR A 148 15.78 0.84 4.57
C THR A 148 17.24 0.76 5.01
N VAL A 149 17.95 -0.27 4.53
CA VAL A 149 19.36 -0.43 4.88
C VAL A 149 20.22 -0.41 3.62
N ASP A 150 21.18 0.53 3.62
CA ASP A 150 22.12 0.73 2.51
C ASP A 150 23.56 0.50 2.99
N TRP A 151 24.32 -0.31 2.23
CA TRP A 151 25.71 -0.63 2.55
C TRP A 151 26.71 0.01 1.58
N LYS A 152 27.86 0.43 2.12
CA LYS A 152 28.94 1.06 1.35
C LYS A 152 30.33 0.50 1.69
N VAL A 153 31.12 0.25 0.65
CA VAL A 153 32.50 -0.24 0.77
C VAL A 153 33.43 0.84 0.19
N ASP A 154 34.01 1.66 1.08
CA ASP A 154 34.90 2.80 0.77
C ASP A 154 34.12 3.97 0.15
N GLY A 155 32.81 3.97 0.37
CA GLY A 155 31.92 5.01 -0.15
C GLY A 155 31.16 4.53 -1.39
N THR A 156 31.61 3.39 -1.94
CA THR A 156 31.02 2.76 -3.12
C THR A 156 29.88 1.81 -2.72
N PRO A 157 28.65 2.00 -3.27
CA PRO A 157 27.47 1.16 -2.98
C PRO A 157 27.65 -0.32 -3.36
N VAL A 158 27.28 -1.21 -2.43
CA VAL A 158 27.41 -2.66 -2.65
C VAL A 158 26.22 -3.26 -3.43
N THR A 159 26.55 -4.31 -4.19
CA THR A 159 25.63 -5.03 -5.04
C THR A 159 25.09 -6.31 -4.38
N GLN A 160 25.92 -7.34 -4.33
CA GLN A 160 25.60 -8.66 -3.78
C GLN A 160 26.03 -8.83 -2.31
N GLY A 161 25.88 -10.06 -1.80
CA GLY A 161 26.26 -10.40 -0.43
C GLY A 161 25.37 -9.89 0.69
N MET A 162 24.49 -8.95 0.40
CA MET A 162 23.58 -8.37 1.38
C MET A 162 22.19 -9.00 1.50
N GLU A 163 21.81 -9.28 2.75
CA GLU A 163 20.52 -9.86 3.10
C GLU A 163 20.02 -9.13 4.36
N THR A 164 18.79 -8.66 4.32
CA THR A 164 18.18 -7.91 5.42
C THR A 164 16.84 -8.52 5.86
N THR A 165 16.64 -8.58 7.19
CA THR A 165 15.41 -9.13 7.76
C THR A 165 14.31 -8.07 7.72
N GLN A 166 13.06 -8.55 7.73
CA GLN A 166 11.89 -7.68 7.75
C GLN A 166 11.71 -7.41 9.26
N PRO A 167 11.41 -6.16 9.65
CA PRO A 167 11.23 -5.80 11.07
C PRO A 167 10.17 -6.55 11.89
N SER A 168 10.60 -7.01 13.06
CA SER A 168 9.74 -7.73 14.00
C SER A 168 9.78 -7.06 15.37
N LYS A 169 8.73 -7.26 16.16
CA LYS A 169 8.62 -6.68 17.50
C LYS A 169 9.53 -7.16 18.62
N GLN A 170 10.01 -6.20 19.42
CA GLN A 170 10.86 -6.47 20.58
C GLN A 170 9.92 -6.63 21.77
N SER A 171 10.51 -6.93 22.94
CA SER A 171 9.75 -7.11 24.18
C SER A 171 9.07 -5.81 24.66
N ASN A 172 9.60 -4.67 24.21
CA ASN A 172 9.06 -3.36 24.59
C ASN A 172 8.15 -2.72 23.53
N ASN A 173 7.61 -3.56 22.65
CA ASN A 173 6.71 -3.16 21.54
C ASN A 173 7.28 -2.30 20.42
N LYS A 174 8.59 -2.03 20.48
CA LYS A 174 9.28 -1.28 19.43
C LYS A 174 9.81 -2.36 18.47
N TYR A 175 10.41 -1.97 17.35
CA TYR A 175 10.90 -2.94 16.39
C TYR A 175 12.41 -3.12 16.32
N MET A 176 12.81 -4.29 15.84
CA MET A 176 14.20 -4.65 15.65
C MET A 176 14.33 -5.27 14.28
N ALA A 177 15.57 -5.29 13.78
CA ALA A 177 15.93 -5.89 12.48
C ALA A 177 17.44 -6.02 12.40
N SER A 178 17.92 -6.81 11.43
CA SER A 178 19.35 -6.99 11.21
C SER A 178 19.65 -7.12 9.72
N SER A 179 20.87 -6.71 9.35
CA SER A 179 21.32 -6.73 7.96
C SER A 179 22.72 -7.29 7.88
N TYR A 180 22.93 -8.17 6.91
CA TYR A 180 24.23 -8.81 6.72
C TYR A 180 24.91 -8.38 5.43
N LEU A 181 26.24 -8.53 5.41
CA LEU A 181 27.05 -8.24 4.25
C LEU A 181 28.08 -9.35 4.23
N THR A 182 27.77 -10.41 3.49
CA THR A 182 28.65 -11.57 3.35
C THR A 182 29.69 -11.26 2.27
N LEU A 183 30.95 -11.32 2.68
CA LEU A 183 32.09 -11.03 1.82
C LEU A 183 33.13 -12.14 1.91
N THR A 184 34.16 -12.02 1.09
CA THR A 184 35.26 -12.96 1.04
C THR A 184 36.40 -12.41 1.91
N ALA A 185 37.29 -13.30 2.38
CA ALA A 185 38.43 -12.93 3.22
C ALA A 185 39.40 -11.94 2.58
N ARG A 186 39.59 -12.09 1.26
CA ARG A 186 40.47 -11.23 0.48
C ARG A 186 39.88 -9.83 0.22
N ALA A 187 38.57 -9.77 0.00
CA ALA A 187 37.84 -8.52 -0.24
C ALA A 187 37.80 -7.66 1.03
N TRP A 188 37.88 -8.33 2.17
CA TRP A 188 37.89 -7.70 3.50
C TRP A 188 39.28 -7.06 3.77
N GLU A 189 40.32 -7.69 3.23
CA GLU A 189 41.69 -7.22 3.38
C GLU A 189 42.01 -6.01 2.52
N ARG A 190 41.36 -5.91 1.36
CA ARG A 190 41.55 -4.81 0.42
C ARG A 190 40.93 -3.48 0.85
N HIS A 191 39.61 -3.49 1.04
CA HIS A 191 38.84 -2.30 1.44
C HIS A 191 39.04 -1.93 2.91
N SER A 192 38.94 -0.63 3.22
CA SER A 192 39.12 -0.12 4.58
C SER A 192 37.88 0.44 5.28
N SER A 193 37.08 1.24 4.59
CA SER A 193 35.88 1.83 5.18
C SER A 193 34.60 1.08 4.83
N TYR A 194 33.87 0.69 5.87
CA TYR A 194 32.60 -0.04 5.76
C TYR A 194 31.54 0.73 6.51
N SER A 195 30.46 1.07 5.82
CA SER A 195 29.38 1.85 6.41
C SER A 195 28.01 1.18 6.29
N CYS A 196 27.30 1.14 7.42
CA CYS A 196 25.93 0.59 7.46
C CYS A 196 25.05 1.79 7.68
N GLN A 197 24.35 2.19 6.62
CA GLN A 197 23.46 3.33 6.67
C GLN A 197 22.03 2.83 6.85
N VAL A 198 21.41 3.25 7.94
CA VAL A 198 20.04 2.84 8.25
C VAL A 198 19.10 4.04 8.14
N THR A 199 18.19 3.97 7.16
CA THR A 199 17.23 5.04 6.92
C THR A 199 15.84 4.73 7.49
N HIS A 200 15.37 5.62 8.35
CA HIS A 200 14.08 5.50 9.04
C HIS A 200 13.42 6.88 9.13
N GLU A 201 12.20 6.97 8.58
CA GLU A 201 11.38 8.20 8.53
C GLU A 201 12.12 9.36 7.85
N GLY A 202 12.78 9.03 6.73
CA GLY A 202 13.55 10.01 5.95
C GLY A 202 14.90 10.39 6.53
N HIS A 203 15.11 10.07 7.80
CA HIS A 203 16.35 10.36 8.54
C HIS A 203 17.28 9.16 8.48
N THR A 204 18.59 9.44 8.41
CA THR A 204 19.60 8.40 8.33
C THR A 204 20.61 8.53 9.47
N VAL A 205 20.87 7.40 10.11
CA VAL A 205 21.84 7.29 11.20
C VAL A 205 22.79 6.19 10.75
N GLU A 206 24.10 6.45 10.83
CA GLU A 206 25.10 5.47 10.39
C GLU A 206 26.23 5.14 11.34
N LYS A 207 26.74 3.93 11.18
CA LYS A 207 27.86 3.43 11.96
C LYS A 207 28.90 2.95 10.97
N SER A 208 30.14 3.39 11.19
CA SER A 208 31.25 3.02 10.32
C SER A 208 32.26 2.13 11.00
N LEU A 209 33.07 1.45 10.18
CA LEU A 209 34.08 0.52 10.64
C LEU A 209 35.35 0.64 9.82
N SER A 210 36.50 0.40 10.47
CA SER A 210 37.83 0.44 9.84
C SER A 210 38.81 -0.52 10.53
N PRO A 211 39.37 -1.51 9.78
CA PRO A 211 40.33 -2.47 10.37
C PRO A 211 41.77 -1.90 10.56
N PCA B 1 0.72 -20.77 36.60
CA PCA B 1 0.24 -22.08 37.17
CB PCA B 1 -1.01 -21.84 38.00
CG PCA B 1 -1.66 -20.57 37.41
CD PCA B 1 -0.46 -19.89 36.76
OE PCA B 1 -0.49 -18.70 36.44
C PCA B 1 0.06 -23.16 36.00
O PCA B 1 0.61 -24.26 36.04
N VAL B 2 -0.84 -22.83 35.08
CA VAL B 2 -1.17 -23.67 33.93
C VAL B 2 -0.21 -23.56 32.72
N LYS B 3 0.31 -24.72 32.30
CA LYS B 3 1.20 -24.78 31.14
C LYS B 3 1.04 -26.05 30.33
N LEU B 4 1.31 -25.95 29.03
CA LEU B 4 1.27 -27.12 28.16
C LEU B 4 2.64 -27.09 27.49
N GLN B 5 3.51 -28.02 27.87
CA GLN B 5 4.87 -28.09 27.34
C GLN B 5 4.97 -29.08 26.19
N GLU B 6 5.52 -28.62 25.08
CA GLU B 6 5.66 -29.42 23.88
C GLU B 6 7.06 -29.93 23.59
N SER B 7 7.14 -31.16 23.11
CA SER B 7 8.39 -31.82 22.73
C SER B 7 8.10 -32.67 21.49
N GLY B 8 8.82 -32.33 20.42
CA GLY B 8 8.71 -33.00 19.14
C GLY B 8 9.97 -32.58 18.40
N PRO B 9 10.68 -33.49 17.68
CA PRO B 9 11.92 -33.18 16.94
C PRO B 9 11.91 -31.99 15.97
N GLY B 10 11.05 -32.05 14.95
CA GLY B 10 10.99 -30.97 13.98
C GLY B 10 11.15 -31.47 12.56
N LEU B 11 12.31 -32.03 12.23
CA LEU B 11 12.59 -32.53 10.87
C LEU B 11 11.92 -33.87 10.52
N VAL B 12 11.07 -33.82 9.51
CA VAL B 12 10.37 -35.01 9.00
C VAL B 12 10.60 -35.08 7.48
N GLN B 13 10.91 -36.26 6.97
CA GLN B 13 11.10 -36.45 5.54
C GLN B 13 9.72 -36.77 4.92
N PRO B 14 9.46 -36.35 3.66
CA PRO B 14 8.16 -36.64 3.02
C PRO B 14 7.77 -38.12 3.12
N SER B 15 6.48 -38.36 3.38
CA SER B 15 5.86 -39.69 3.53
C SER B 15 6.07 -40.39 4.87
N GLN B 16 6.82 -39.74 5.77
CA GLN B 16 7.06 -40.30 7.09
C GLN B 16 6.22 -39.63 8.17
N SER B 17 6.34 -40.09 9.41
CA SER B 17 5.49 -39.56 10.48
C SER B 17 6.03 -38.46 11.38
N LEU B 18 5.09 -37.85 12.10
CA LEU B 18 5.35 -36.80 13.06
C LEU B 18 4.71 -37.22 14.38
N SER B 19 5.46 -37.07 15.45
CA SER B 19 4.99 -37.40 16.78
C SER B 19 5.35 -36.25 17.72
N ILE B 20 4.35 -35.72 18.41
CA ILE B 20 4.55 -34.63 19.36
C ILE B 20 3.82 -34.95 20.67
N THR B 21 4.50 -34.64 21.77
CA THR B 21 3.95 -34.86 23.11
C THR B 21 3.66 -33.50 23.76
N CYS B 22 2.47 -33.38 24.32
CA CYS B 22 2.03 -32.19 25.05
C CYS B 22 1.91 -32.63 26.53
N THR B 23 2.79 -32.09 27.37
CA THR B 23 2.81 -32.43 28.79
C THR B 23 2.20 -31.25 29.51
N VAL B 24 1.07 -31.50 30.16
CA VAL B 24 0.34 -30.45 30.86
C VAL B 24 0.61 -30.39 32.38
N SER B 25 0.44 -29.19 32.95
CA SER B 25 0.61 -28.96 34.38
C SER B 25 -0.33 -27.83 34.81
N GLY B 26 -0.75 -27.86 36.08
CA GLY B 26 -1.65 -26.84 36.61
C GLY B 26 -3.12 -27.18 36.44
N PHE B 27 -3.40 -28.32 35.79
CA PHE B 27 -4.76 -28.83 35.56
C PHE B 27 -4.67 -30.31 35.17
N SER B 28 -5.83 -30.95 35.15
CA SER B 28 -5.93 -32.34 34.82
C SER B 28 -6.61 -32.57 33.48
N LEU B 29 -6.16 -33.60 32.78
CA LEU B 29 -6.71 -33.97 31.49
C LEU B 29 -8.11 -34.58 31.62
N THR B 30 -8.46 -34.97 32.85
CA THR B 30 -9.79 -35.52 33.14
C THR B 30 -10.86 -34.42 33.16
N ASP B 31 -10.43 -33.16 33.23
CA ASP B 31 -11.35 -32.01 33.26
C ASP B 31 -11.33 -31.12 32.02
N TYR B 32 -10.25 -31.20 31.26
CA TYR B 32 -10.10 -30.35 30.08
C TYR B 32 -9.86 -31.09 28.78
N GLY B 33 -10.30 -30.46 27.70
CA GLY B 33 -10.07 -31.00 26.37
C GLY B 33 -8.78 -30.38 25.86
N VAL B 34 -8.05 -31.10 25.01
CA VAL B 34 -6.81 -30.57 24.43
C VAL B 34 -6.92 -30.67 22.92
N HIS B 35 -6.82 -29.51 22.27
CA HIS B 35 -6.91 -29.37 20.82
C HIS B 35 -5.55 -29.25 20.18
N TRP B 36 -5.47 -29.63 18.91
CA TRP B 36 -4.25 -29.55 18.13
C TRP B 36 -4.54 -28.68 16.92
N VAL B 37 -3.74 -27.64 16.80
CA VAL B 37 -3.88 -26.63 15.76
C VAL B 37 -2.53 -26.33 15.18
N ARG B 38 -2.48 -26.05 13.88
CA ARG B 38 -1.21 -25.69 13.22
C ARG B 38 -1.30 -24.34 12.48
N GLN B 39 -0.14 -23.75 12.22
CA GLN B 39 -0.04 -22.49 11.49
C GLN B 39 1.10 -22.53 10.47
N SER B 40 0.73 -22.61 9.18
CA SER B 40 1.68 -22.64 8.06
C SER B 40 2.18 -21.20 7.83
N PRO B 41 3.48 -21.01 7.48
CA PRO B 41 4.07 -19.67 7.24
C PRO B 41 3.29 -18.72 6.32
N GLY B 42 2.60 -19.29 5.32
CA GLY B 42 1.82 -18.51 4.38
C GLY B 42 0.32 -18.46 4.66
N LYS B 43 -0.10 -19.03 5.79
CA LYS B 43 -1.52 -19.09 6.20
C LYS B 43 -1.77 -18.71 7.67
N GLY B 44 -3.01 -18.97 8.11
CA GLY B 44 -3.41 -18.72 9.48
C GLY B 44 -3.60 -20.03 10.23
N LEU B 45 -4.52 -20.05 11.19
CA LEU B 45 -4.76 -21.25 11.97
C LEU B 45 -5.63 -22.32 11.33
N GLU B 46 -5.15 -23.55 11.40
CA GLU B 46 -5.89 -24.70 10.87
C GLU B 46 -6.10 -25.68 12.01
N TRP B 47 -7.37 -25.96 12.32
CA TRP B 47 -7.69 -26.88 13.40
C TRP B 47 -7.55 -28.30 12.88
N LEU B 48 -6.87 -29.14 13.66
CA LEU B 48 -6.64 -30.54 13.26
C LEU B 48 -7.50 -31.55 14.01
N GLY B 49 -7.52 -31.44 15.33
CA GLY B 49 -8.30 -32.37 16.14
C GLY B 49 -8.31 -32.06 17.63
N VAL B 50 -9.01 -32.90 18.39
CA VAL B 50 -9.14 -32.73 19.83
C VAL B 50 -9.40 -34.01 20.59
N ILE B 51 -8.90 -34.06 21.83
CA ILE B 51 -9.23 -35.14 22.71
C ILE B 51 -9.92 -34.49 23.92
N TRP B 52 -11.20 -34.78 24.06
CA TRP B 52 -12.00 -34.25 25.14
C TRP B 52 -11.69 -34.92 26.47
N SER B 53 -12.15 -34.30 27.55
CA SER B 53 -11.93 -34.78 28.91
C SER B 53 -12.26 -36.27 29.13
N GLY B 54 -13.34 -36.71 28.48
CA GLY B 54 -13.79 -38.09 28.60
C GLY B 54 -13.05 -39.10 27.72
N GLY B 55 -12.10 -38.62 26.93
CA GLY B 55 -11.32 -39.51 26.05
C GLY B 55 -11.86 -39.56 24.64
N GLY B 56 -12.98 -38.89 24.43
CA GLY B 56 -13.62 -38.82 23.12
C GLY B 56 -12.81 -37.93 22.21
N THR B 57 -12.85 -38.21 20.91
CA THR B 57 -12.06 -37.45 19.93
C THR B 57 -12.88 -36.89 18.77
N ALA B 58 -12.30 -35.92 18.07
CA ALA B 58 -12.90 -35.31 16.88
C ALA B 58 -11.76 -34.79 16.03
N TYR B 59 -11.94 -34.90 14.71
CA TYR B 59 -10.92 -34.47 13.75
C TYR B 59 -11.53 -33.79 12.53
N THR B 60 -10.69 -33.03 11.83
CA THR B 60 -11.05 -32.38 10.56
C THR B 60 -11.09 -33.58 9.61
N ALA B 61 -12.17 -33.68 8.84
CA ALA B 61 -12.44 -34.79 7.91
C ALA B 61 -11.26 -35.32 7.07
N ALA B 62 -10.48 -34.42 6.48
CA ALA B 62 -9.35 -34.76 5.63
C ALA B 62 -8.19 -35.43 6.40
N PHE B 63 -8.29 -35.41 7.72
CA PHE B 63 -7.25 -35.97 8.60
C PHE B 63 -7.54 -37.28 9.32
N ILE B 64 -8.76 -37.80 9.19
CA ILE B 64 -9.21 -39.03 9.85
C ILE B 64 -8.21 -40.19 9.75
N SER B 65 -7.75 -40.50 8.53
CA SER B 65 -6.84 -41.60 8.29
C SER B 65 -5.37 -41.35 8.50
N ARG B 66 -4.99 -40.08 8.65
CA ARG B 66 -3.59 -39.77 8.86
C ARG B 66 -3.27 -39.27 10.27
N LEU B 67 -4.27 -38.80 11.00
CA LEU B 67 -4.06 -38.24 12.33
C LEU B 67 -4.77 -38.93 13.48
N ASN B 68 -4.00 -39.14 14.55
CA ASN B 68 -4.53 -39.70 15.78
C ASN B 68 -4.05 -38.89 16.96
N ILE B 69 -4.95 -38.75 17.93
CA ILE B 69 -4.69 -38.03 19.17
C ILE B 69 -5.20 -38.91 20.30
N TYR B 70 -4.31 -39.24 21.23
CA TYR B 70 -4.67 -40.06 22.38
C TYR B 70 -3.97 -39.51 23.61
N LYS B 71 -4.31 -40.05 24.77
CA LYS B 71 -3.71 -39.54 26.00
C LYS B 71 -3.51 -40.52 27.14
N ASP B 72 -2.76 -40.07 28.13
CA ASP B 72 -2.52 -40.83 29.36
C ASP B 72 -2.74 -39.79 30.47
N ASN B 73 -3.93 -39.87 31.07
CA ASN B 73 -4.39 -38.99 32.14
C ASN B 73 -3.47 -38.96 33.35
N SER B 74 -2.93 -40.14 33.71
CA SER B 74 -2.02 -40.28 34.85
C SER B 74 -0.64 -39.63 34.67
N LYS B 75 -0.19 -39.56 33.41
CA LYS B 75 1.09 -38.95 33.07
C LYS B 75 0.94 -37.49 32.66
N ASN B 76 -0.31 -36.99 32.63
CA ASN B 76 -0.66 -35.61 32.22
C ASN B 76 -0.17 -35.33 30.78
N GLN B 77 -0.14 -36.37 29.95
CA GLN B 77 0.32 -36.26 28.57
C GLN B 77 -0.69 -36.58 27.48
N VAL B 78 -0.65 -35.76 26.43
CA VAL B 78 -1.47 -35.92 25.23
C VAL B 78 -0.49 -36.16 24.09
N PHE B 79 -0.78 -37.14 23.23
CA PHE B 79 0.10 -37.47 22.12
C PHE B 79 -0.58 -37.20 20.77
N PHE B 80 0.18 -36.55 19.88
CA PHE B 80 -0.23 -36.21 18.52
C PHE B 80 0.63 -37.10 17.63
N GLU B 81 -0.02 -37.85 16.75
CA GLU B 81 0.68 -38.74 15.82
C GLU B 81 0.04 -38.65 14.45
N MET B 82 0.80 -38.13 13.50
CA MET B 82 0.32 -37.94 12.13
C MET B 82 1.26 -38.65 11.15
N ASN B 83 0.70 -39.39 10.21
CA ASN B 83 1.51 -40.11 9.24
C ASN B 83 1.42 -39.49 7.85
N SER B 84 2.30 -39.94 6.97
CA SER B 84 2.36 -39.49 5.56
C SER B 84 2.47 -37.98 5.37
N LEU B 85 3.46 -37.36 6.00
CA LEU B 85 3.64 -35.90 5.88
C LEU B 85 4.18 -35.50 4.52
N GLN B 86 3.73 -34.37 4.02
CA GLN B 86 4.19 -33.82 2.74
C GLN B 86 4.68 -32.40 2.98
N ALA B 87 5.29 -31.80 1.97
CA ALA B 87 5.83 -30.43 2.03
C ALA B 87 4.90 -29.36 2.62
N ASN B 88 3.60 -29.46 2.32
CA ASN B 88 2.62 -28.49 2.84
C ASN B 88 2.15 -28.76 4.29
N ASP B 89 2.82 -29.71 4.96
CA ASP B 89 2.52 -30.01 6.36
C ASP B 89 3.53 -29.27 7.21
N THR B 90 4.42 -28.52 6.56
CA THR B 90 5.43 -27.71 7.24
C THR B 90 4.67 -26.58 7.95
N ALA B 91 4.75 -26.57 9.28
CA ALA B 91 4.04 -25.60 10.10
C ALA B 91 4.46 -25.66 11.55
N MET B 92 3.96 -24.69 12.30
CA MET B 92 4.13 -24.61 13.76
C MET B 92 2.90 -25.34 14.28
N TYR B 93 3.09 -26.35 15.13
CA TYR B 93 2.01 -27.15 15.70
C TYR B 93 1.78 -26.81 17.17
N TYR B 94 0.53 -26.61 17.54
CA TYR B 94 0.18 -26.24 18.91
C TYR B 94 -0.88 -27.11 19.55
N CYS B 95 -0.75 -27.29 20.86
CA CYS B 95 -1.77 -27.98 21.63
C CYS B 95 -2.38 -26.84 22.42
N ALA B 96 -3.71 -26.82 22.52
CA ALA B 96 -4.42 -25.78 23.25
C ALA B 96 -5.44 -26.45 24.13
N ARG B 97 -5.58 -25.92 25.34
CA ARG B 97 -6.51 -26.38 26.35
C ARG B 97 -7.88 -25.70 26.13
N ARG B 98 -8.96 -26.43 26.41
CA ARG B 98 -10.31 -25.87 26.34
C ARG B 98 -11.21 -26.61 27.32
N GLY B 99 -11.83 -25.85 28.22
CA GLY B 99 -12.69 -26.43 29.21
C GLY B 99 -14.14 -26.49 28.80
N SER B 100 -14.96 -26.99 29.72
CA SER B 100 -16.39 -27.10 29.53
C SER B 100 -17.01 -25.80 30.06
N TYR B 101 -18.25 -25.48 29.69
CA TYR B 101 -18.93 -24.25 30.16
C TYR B 101 -18.84 -24.20 31.71
N PRO B 102 -18.48 -23.03 32.30
CA PRO B 102 -18.13 -21.70 31.76
C PRO B 102 -16.69 -21.44 31.37
N TYR B 103 -15.91 -22.51 31.23
CA TYR B 103 -14.50 -22.42 30.88
C TYR B 103 -14.25 -22.83 29.42
N ASN B 104 -15.29 -22.69 28.60
CA ASN B 104 -15.23 -23.07 27.19
C ASN B 104 -14.59 -22.08 26.21
N TYR B 105 -13.29 -21.87 26.40
CA TYR B 105 -12.47 -21.01 25.58
C TYR B 105 -11.09 -21.64 25.46
N PHE B 106 -10.38 -21.30 24.39
CA PHE B 106 -9.02 -21.78 24.14
C PHE B 106 -8.09 -20.82 24.87
N ASP B 107 -8.12 -20.84 26.21
CA ASP B 107 -7.32 -19.94 27.02
C ASP B 107 -5.82 -20.09 26.97
N VAL B 108 -5.31 -21.24 27.37
CA VAL B 108 -3.88 -21.48 27.41
C VAL B 108 -3.43 -22.41 26.29
N TRP B 109 -2.38 -21.96 25.61
CA TRP B 109 -1.80 -22.64 24.47
C TRP B 109 -0.34 -22.96 24.76
N GLY B 110 0.16 -23.99 24.09
CA GLY B 110 1.58 -24.37 24.19
C GLY B 110 2.37 -23.41 23.31
N GLN B 111 3.70 -23.32 23.48
CA GLN B 111 4.52 -22.40 22.68
C GLN B 111 4.72 -22.82 21.22
N GLY B 112 4.38 -24.07 20.91
CA GLY B 112 4.49 -24.57 19.56
C GLY B 112 5.73 -25.37 19.20
N THR B 113 5.54 -26.36 18.33
CA THR B 113 6.60 -27.21 17.83
C THR B 113 6.79 -26.85 16.35
N THR B 114 7.99 -26.44 15.99
CA THR B 114 8.30 -26.07 14.60
C THR B 114 8.62 -27.34 13.85
N VAL B 115 7.83 -27.61 12.81
CA VAL B 115 8.00 -28.80 11.98
C VAL B 115 8.31 -28.42 10.54
N THR B 116 9.39 -29.01 10.04
CA THR B 116 9.84 -28.78 8.69
C THR B 116 9.87 -30.11 7.97
N VAL B 117 9.18 -30.14 6.84
CA VAL B 117 9.13 -31.33 6.03
C VAL B 117 9.99 -31.11 4.79
N SER B 118 11.17 -31.75 4.78
CA SER B 118 12.09 -31.67 3.65
C SER B 118 13.02 -32.88 3.57
N SER B 119 13.59 -33.07 2.37
CA SER B 119 14.54 -34.17 2.10
C SER B 119 15.90 -33.76 2.61
N ALA B 120 16.13 -32.44 2.73
CA ALA B 120 17.38 -31.86 3.19
C ALA B 120 17.85 -32.36 4.57
N LYS B 121 19.16 -32.56 4.67
CA LYS B 121 19.81 -33.04 5.90
C LYS B 121 20.10 -31.84 6.79
N THR B 122 20.16 -32.11 8.09
CA THR B 122 20.43 -31.11 9.10
C THR B 122 21.84 -30.53 8.96
N THR B 123 21.98 -29.24 9.25
CA THR B 123 23.25 -28.53 9.18
C THR B 123 23.43 -27.77 10.48
N PRO B 124 24.47 -28.10 11.27
CA PRO B 124 24.71 -27.40 12.53
C PRO B 124 25.24 -25.98 12.28
N PRO B 125 24.99 -25.03 13.20
CA PRO B 125 25.49 -23.68 12.95
C PRO B 125 26.95 -23.45 13.33
N SER B 126 27.56 -22.50 12.62
CA SER B 126 28.93 -22.09 12.89
C SER B 126 28.72 -20.82 13.72
N VAL B 127 29.12 -20.86 14.98
CA VAL B 127 28.95 -19.74 15.90
C VAL B 127 30.21 -18.90 16.03
N TYR B 128 30.08 -17.61 15.72
CA TYR B 128 31.20 -16.69 15.74
C TYR B 128 31.05 -15.53 16.73
N PRO B 129 32.08 -15.28 17.58
CA PRO B 129 32.05 -14.20 18.58
C PRO B 129 32.25 -12.84 17.90
N LEU B 130 31.33 -11.91 18.18
CA LEU B 130 31.42 -10.57 17.60
C LEU B 130 31.83 -9.53 18.66
N ALA B 131 33.09 -9.13 18.59
CA ALA B 131 33.68 -8.12 19.47
C ALA B 131 33.54 -6.79 18.74
N PRO B 132 33.46 -5.64 19.47
CA PRO B 132 33.32 -4.31 18.84
C PRO B 132 34.49 -3.87 17.97
N GLY B 133 34.23 -2.90 17.09
CA GLY B 133 35.25 -2.38 16.19
C GLY B 133 36.36 -1.63 16.91
N SER B 134 36.00 -0.48 17.46
CA SER B 134 36.91 0.38 18.21
C SER B 134 36.93 -0.05 19.68
N ALA B 135 37.90 0.43 20.45
CA ALA B 135 37.99 0.11 21.88
C ALA B 135 37.03 1.03 22.65
N ALA B 136 36.58 0.55 23.82
CA ALA B 136 35.63 1.29 24.65
C ALA B 136 36.24 2.46 25.41
N GLN B 137 35.42 3.48 25.64
CA GLN B 137 35.83 4.67 26.39
C GLN B 137 35.78 4.32 27.88
N THR B 138 36.60 5.02 28.68
CA THR B 138 36.68 4.79 30.13
C THR B 138 35.33 5.10 30.77
N ASN B 139 34.71 4.06 31.34
CA ASN B 139 33.39 4.09 31.99
C ASN B 139 32.28 4.39 30.97
N SER B 140 31.84 3.35 30.26
CA SER B 140 30.80 3.46 29.22
C SER B 140 30.06 2.13 29.06
N MET B 141 29.31 1.99 27.96
CA MET B 141 28.56 0.77 27.64
C MET B 141 29.18 0.08 26.43
N VAL B 142 29.19 -1.26 26.44
CA VAL B 142 29.71 -2.04 25.31
C VAL B 142 28.68 -3.04 24.84
N THR B 143 28.63 -3.25 23.54
CA THR B 143 27.71 -4.19 22.93
C THR B 143 28.51 -5.30 22.25
N LEU B 144 28.36 -6.53 22.77
CA LEU B 144 29.01 -7.72 22.24
C LEU B 144 27.99 -8.50 21.44
N GLY B 145 28.47 -9.30 20.48
CA GLY B 145 27.56 -10.05 19.65
C GLY B 145 27.91 -11.52 19.49
N CYS B 146 27.02 -12.22 18.82
CA CYS B 146 27.13 -13.65 18.56
C CYS B 146 26.44 -13.91 17.23
N LEU B 147 27.21 -14.38 16.25
CA LEU B 147 26.69 -14.70 14.92
C LEU B 147 26.47 -16.22 14.85
N VAL B 148 25.24 -16.62 14.51
CA VAL B 148 24.86 -18.04 14.41
C VAL B 148 24.59 -18.26 12.92
N LYS B 149 25.65 -18.65 12.20
CA LYS B 149 25.63 -18.84 10.75
C LYS B 149 25.37 -20.23 10.17
N GLY B 150 24.59 -20.24 9.09
CA GLY B 150 24.26 -21.44 8.32
C GLY B 150 23.75 -22.70 8.99
N TYR B 151 22.51 -22.65 9.46
CA TYR B 151 21.85 -23.81 10.08
C TYR B 151 20.53 -24.12 9.41
N PHE B 152 20.15 -25.39 9.42
CA PHE B 152 18.88 -25.87 8.86
C PHE B 152 18.49 -27.06 9.74
N PRO B 153 17.22 -27.12 10.22
CA PRO B 153 16.10 -26.17 10.05
C PRO B 153 15.98 -25.26 11.27
N GLU B 154 14.83 -24.60 11.40
CA GLU B 154 14.54 -23.74 12.56
C GLU B 154 14.07 -24.71 13.66
N PRO B 155 14.18 -24.34 14.97
CA PRO B 155 14.70 -23.13 15.61
C PRO B 155 16.12 -23.25 16.21
N VAL B 156 16.55 -22.17 16.86
CA VAL B 156 17.83 -22.07 17.54
C VAL B 156 17.56 -21.21 18.77
N THR B 157 18.19 -21.56 19.89
CA THR B 157 18.06 -20.79 21.12
C THR B 157 19.40 -20.20 21.50
N VAL B 158 19.38 -18.91 21.83
CA VAL B 158 20.60 -18.21 22.22
C VAL B 158 20.40 -17.63 23.62
N THR B 159 21.39 -17.87 24.48
CA THR B 159 21.41 -17.33 25.84
C THR B 159 22.81 -16.76 26.07
N TRP B 160 22.92 -15.90 27.07
CA TRP B 160 24.18 -15.25 27.44
C TRP B 160 24.47 -15.54 28.91
N ASN B 161 25.66 -16.10 29.16
CA ASN B 161 26.13 -16.51 30.49
C ASN B 161 25.17 -17.50 31.15
N SER B 162 24.70 -18.45 30.32
CA SER B 162 23.78 -19.55 30.65
C SER B 162 22.37 -19.12 31.05
N GLY B 163 21.99 -17.92 30.60
CA GLY B 163 20.68 -17.38 30.90
C GLY B 163 20.71 -16.35 32.01
N SER B 164 21.89 -16.08 32.56
CA SER B 164 22.02 -15.10 33.63
C SER B 164 21.89 -13.64 33.13
N LEU B 165 22.22 -13.40 31.86
CA LEU B 165 22.10 -12.07 31.28
C LEU B 165 20.88 -12.01 30.35
N SER B 166 19.94 -11.11 30.66
CA SER B 166 18.73 -10.98 29.85
C SER B 166 18.28 -9.56 29.53
N SER B 167 18.45 -8.65 30.48
CA SER B 167 18.01 -7.26 30.30
C SER B 167 18.60 -6.46 29.13
N GLY B 168 19.87 -6.69 28.81
CA GLY B 168 20.50 -5.98 27.72
C GLY B 168 20.62 -6.82 26.45
N VAL B 169 19.81 -7.88 26.37
CA VAL B 169 19.83 -8.82 25.24
C VAL B 169 18.76 -8.62 24.15
N HIS B 170 19.20 -8.76 22.91
CA HIS B 170 18.33 -8.70 21.71
C HIS B 170 18.72 -9.85 20.81
N THR B 171 17.75 -10.69 20.49
CA THR B 171 17.97 -11.81 19.57
C THR B 171 17.11 -11.55 18.35
N PHE B 172 17.80 -11.34 17.24
CA PHE B 172 17.23 -11.00 15.94
C PHE B 172 16.70 -12.19 15.12
N PRO B 173 15.61 -11.98 14.34
CA PRO B 173 15.05 -13.07 13.51
C PRO B 173 16.00 -13.46 12.36
N ALA B 174 15.84 -14.67 11.86
CA ALA B 174 16.70 -15.19 10.80
C ALA B 174 16.45 -14.75 9.37
N VAL B 175 17.48 -14.90 8.55
CA VAL B 175 17.46 -14.62 7.11
C VAL B 175 17.68 -15.98 6.46
N LEU B 176 17.18 -16.15 5.24
CA LEU B 176 17.34 -17.41 4.53
C LEU B 176 18.27 -17.23 3.32
N GLN B 177 19.57 -17.44 3.56
CA GLN B 177 20.62 -17.32 2.54
C GLN B 177 20.79 -18.69 1.86
N SER B 178 20.05 -18.89 0.76
CA SER B 178 20.04 -20.12 -0.06
C SER B 178 19.97 -21.46 0.71
N ASP B 179 18.77 -21.75 1.22
CA ASP B 179 18.42 -22.96 1.99
C ASP B 179 19.07 -23.15 3.38
N LEU B 180 19.70 -22.08 3.88
CA LEU B 180 20.36 -22.06 5.19
C LEU B 180 19.94 -20.80 5.96
N TYR B 181 19.77 -20.93 7.26
CA TYR B 181 19.35 -19.80 8.11
C TYR B 181 20.52 -19.20 8.88
N THR B 182 20.46 -17.90 9.11
CA THR B 182 21.48 -17.16 9.86
C THR B 182 20.78 -16.12 10.71
N LEU B 183 21.12 -16.08 11.99
CA LEU B 183 20.58 -15.05 12.90
C LEU B 183 21.72 -14.54 13.79
N SER B 184 21.45 -13.45 14.49
CA SER B 184 22.40 -12.86 15.40
C SER B 184 21.75 -12.56 16.73
N SER B 185 22.59 -12.33 17.73
CA SER B 185 22.16 -11.96 19.06
C SER B 185 23.21 -11.04 19.64
N SER B 186 22.77 -10.08 20.45
CA SER B 186 23.68 -9.14 21.07
C SER B 186 23.31 -8.89 22.53
N VAL B 187 24.30 -8.46 23.30
CA VAL B 187 24.11 -8.10 24.70
C VAL B 187 24.87 -6.80 24.95
N THR B 188 24.27 -5.90 25.72
CA THR B 188 24.90 -4.64 26.08
C THR B 188 25.14 -4.65 27.60
N VAL B 189 26.41 -4.53 27.96
CA VAL B 189 26.89 -4.55 29.36
C VAL B 189 27.86 -3.36 29.60
N PRO B 190 28.07 -2.94 30.88
CA PRO B 190 29.02 -1.83 31.07
C PRO B 190 30.49 -2.27 30.88
N SER B 191 31.36 -1.33 30.51
CA SER B 191 32.79 -1.58 30.27
C SER B 191 33.56 -2.10 31.49
N SER B 192 32.97 -1.96 32.67
CA SER B 192 33.57 -2.42 33.92
C SER B 192 33.34 -3.92 34.09
N THR B 193 32.39 -4.46 33.33
CA THR B 193 32.05 -5.88 33.35
C THR B 193 32.83 -6.65 32.27
N TRP B 194 33.05 -6.03 31.11
CA TRP B 194 33.77 -6.66 29.99
C TRP B 194 34.87 -5.70 29.51
N PRO B 195 36.10 -6.21 29.21
CA PRO B 195 36.67 -7.57 29.26
C PRO B 195 37.20 -8.06 30.59
N SER B 196 36.85 -7.34 31.65
CA SER B 196 37.23 -7.64 33.03
C SER B 196 36.72 -9.03 33.44
N GLU B 197 35.45 -9.30 33.10
CA GLU B 197 34.80 -10.58 33.36
C GLU B 197 34.40 -11.25 32.05
N THR B 198 34.08 -12.54 32.14
CA THR B 198 33.73 -13.35 30.99
C THR B 198 32.27 -13.27 30.55
N VAL B 199 32.06 -12.98 29.26
CA VAL B 199 30.73 -12.92 28.66
C VAL B 199 30.74 -13.99 27.57
N THR B 200 29.79 -14.93 27.68
CA THR B 200 29.68 -16.06 26.76
C THR B 200 28.28 -16.29 26.18
N CYS B 201 28.17 -16.42 24.86
CA CYS B 201 26.89 -16.75 24.22
C CYS B 201 26.81 -18.27 24.09
N ASN B 202 25.67 -18.82 24.48
CA ASN B 202 25.41 -20.28 24.44
C ASN B 202 24.36 -20.51 23.37
N VAL B 203 24.74 -21.22 22.32
CA VAL B 203 23.83 -21.50 21.21
C VAL B 203 23.48 -22.97 21.14
N ALA B 204 22.19 -23.25 20.97
CA ALA B 204 21.68 -24.61 20.88
C ALA B 204 20.83 -24.77 19.63
N HIS B 205 21.06 -25.86 18.90
CA HIS B 205 20.30 -26.19 17.68
C HIS B 205 19.66 -27.54 18.08
N PRO B 206 18.43 -27.50 18.68
CA PRO B 206 17.69 -28.70 19.13
C PRO B 206 17.48 -29.79 18.09
N ALA B 207 17.41 -29.37 16.82
CA ALA B 207 17.21 -30.28 15.69
C ALA B 207 18.49 -30.94 15.17
N SER B 208 19.58 -30.78 15.92
CA SER B 208 20.89 -31.39 15.59
C SER B 208 21.57 -31.75 16.92
N SER B 209 20.93 -31.37 18.02
CA SER B 209 21.36 -31.58 19.40
C SER B 209 22.78 -31.09 19.76
N THR B 210 23.23 -30.05 19.06
CA THR B 210 24.53 -29.44 19.29
C THR B 210 24.36 -28.25 20.23
N LYS B 211 25.24 -28.18 21.23
CA LYS B 211 25.25 -27.12 22.23
C LYS B 211 26.66 -26.54 22.23
N VAL B 212 26.78 -25.30 21.78
CA VAL B 212 28.08 -24.62 21.68
C VAL B 212 28.13 -23.30 22.45
N ASP B 213 29.25 -23.11 23.16
CA ASP B 213 29.51 -21.92 23.96
C ASP B 213 30.71 -21.20 23.35
N LYS B 214 30.56 -19.91 23.08
CA LYS B 214 31.66 -19.12 22.53
C LYS B 214 31.87 -17.88 23.36
N LYS B 215 33.02 -17.82 24.04
CA LYS B 215 33.42 -16.69 24.88
C LYS B 215 33.84 -15.51 24.00
N ILE B 216 33.39 -14.31 24.38
CA ILE B 216 33.71 -13.08 23.64
C ILE B 216 34.99 -12.47 24.18
N VAL B 217 36.00 -12.44 23.32
CA VAL B 217 37.35 -11.94 23.62
C VAL B 217 37.66 -10.70 22.74
N PRO B 218 38.48 -9.73 23.24
CA PRO B 218 38.81 -8.53 22.46
C PRO B 218 39.49 -8.78 21.12
N ARG B 219 39.11 -7.97 20.15
CA ARG B 219 39.59 -8.01 18.77
C ARG B 219 41.05 -7.53 18.66
N GLN C 1 3.49 -7.12 -27.83
CA GLN C 1 4.03 -8.46 -27.47
C GLN C 1 3.25 -9.01 -26.25
N ALA C 2 3.81 -8.81 -25.05
CA ALA C 2 3.21 -9.29 -23.80
C ALA C 2 2.08 -8.41 -23.33
N VAL C 3 1.16 -9.02 -22.58
CA VAL C 3 -0.01 -8.34 -22.03
C VAL C 3 0.04 -8.48 -20.52
N VAL C 4 -0.13 -7.36 -19.82
CA VAL C 4 -0.11 -7.33 -18.37
C VAL C 4 -1.56 -7.20 -17.89
N THR C 5 -1.98 -8.13 -17.04
CA THR C 5 -3.36 -8.17 -16.57
C THR C 5 -3.58 -7.88 -15.11
N GLN C 6 -4.52 -6.97 -14.89
CA GLN C 6 -4.93 -6.51 -13.57
C GLN C 6 -6.43 -6.70 -13.45
N GLU C 7 -6.93 -6.68 -12.22
CA GLU C 7 -8.36 -6.79 -11.94
C GLU C 7 -9.05 -5.54 -12.48
N SER C 8 -10.25 -5.70 -13.00
CA SER C 8 -11.01 -4.59 -13.58
C SER C 8 -11.32 -3.51 -12.55
N ALA C 9 -11.84 -3.94 -11.40
CA ALA C 9 -12.20 -3.04 -10.32
C ALA C 9 -12.40 -3.80 -9.04
N LEU C 10 -12.05 -3.14 -7.94
CA LEU C 10 -12.17 -3.71 -6.61
C LEU C 10 -12.77 -2.68 -5.66
N THR C 11 -13.30 -3.14 -4.53
CA THR C 11 -13.91 -2.27 -3.53
C THR C 11 -13.23 -2.48 -2.20
N THR C 12 -13.40 -1.50 -1.31
CA THR C 12 -12.84 -1.53 0.04
C THR C 12 -13.62 -0.57 0.94
N SER C 13 -13.57 -0.79 2.25
CA SER C 13 -14.23 0.09 3.21
C SER C 13 -13.09 0.70 4.05
N PRO C 14 -13.25 1.96 4.55
CA PRO C 14 -12.18 2.58 5.35
C PRO C 14 -11.61 1.76 6.53
N GLY C 15 -10.28 1.74 6.61
CA GLY C 15 -9.58 1.00 7.66
C GLY C 15 -9.15 -0.40 7.24
N GLU C 16 -9.75 -0.94 6.19
CA GLU C 16 -9.44 -2.28 5.68
C GLU C 16 -8.20 -2.35 4.77
N THR C 17 -7.85 -3.57 4.40
CA THR C 17 -6.72 -3.83 3.52
C THR C 17 -7.14 -4.46 2.21
N VAL C 18 -6.74 -3.84 1.09
CA VAL C 18 -7.00 -4.40 -0.24
C VAL C 18 -5.69 -4.75 -0.88
N THR C 19 -5.74 -5.77 -1.73
CA THR C 19 -4.58 -6.24 -2.45
C THR C 19 -5.02 -6.34 -3.89
N LEU C 20 -4.27 -5.64 -4.75
CA LEU C 20 -4.54 -5.63 -6.18
C LEU C 20 -3.37 -6.38 -6.83
N THR C 21 -3.64 -7.14 -7.88
CA THR C 21 -2.60 -7.93 -8.53
C THR C 21 -2.25 -7.54 -9.97
N CYS C 22 -1.06 -7.98 -10.38
CA CYS C 22 -0.49 -7.69 -11.69
C CYS C 22 0.15 -8.97 -12.24
N ARG C 23 -0.47 -9.52 -13.28
CA ARG C 23 -0.05 -10.77 -13.91
C ARG C 23 0.60 -10.59 -15.26
N SER C 24 1.59 -11.42 -15.55
CA SER C 24 2.31 -11.44 -16.81
C SER C 24 1.75 -12.55 -17.70
N SER C 25 1.77 -12.30 -19.01
CA SER C 25 1.32 -13.27 -20.00
C SER C 25 2.43 -14.27 -20.35
N THR C 26 3.67 -13.94 -20.00
CA THR C 26 4.83 -14.82 -20.28
C THR C 26 4.99 -15.92 -19.25
N GLY C 27 4.34 -15.75 -18.10
CA GLY C 27 4.41 -16.71 -17.02
C GLY C 27 4.48 -15.97 -15.71
N ALA C 28 5.27 -16.50 -14.78
CA ALA C 28 5.45 -15.88 -13.46
C ALA C 28 6.16 -14.52 -13.52
N VAL C 29 5.71 -13.61 -12.67
CA VAL C 29 6.32 -12.29 -12.56
C VAL C 29 7.52 -12.46 -11.63
N THR C 30 8.69 -12.15 -12.16
CA THR C 30 9.95 -12.28 -11.40
C THR C 30 10.46 -10.91 -10.94
N THR C 31 11.55 -10.91 -10.18
CA THR C 31 12.19 -9.70 -9.68
C THR C 31 12.77 -8.93 -10.88
N SER C 32 13.05 -9.67 -11.97
CA SER C 32 13.60 -9.11 -13.20
C SER C 32 12.56 -8.35 -14.05
N ASN C 33 11.29 -8.39 -13.63
CA ASN C 33 10.20 -7.67 -14.27
C ASN C 33 10.05 -6.29 -13.63
N TYR C 34 10.78 -6.07 -12.53
CA TYR C 34 10.81 -4.81 -11.78
C TYR C 34 9.47 -4.05 -11.68
N ALA C 35 8.48 -4.73 -11.12
CA ALA C 35 7.13 -4.20 -10.96
C ALA C 35 6.99 -2.83 -10.31
N ASN C 36 6.40 -1.90 -11.05
CA ASN C 36 6.16 -0.54 -10.59
C ASN C 36 4.66 -0.33 -10.46
N TRP C 37 4.25 0.51 -9.52
CA TRP C 37 2.83 0.84 -9.33
C TRP C 37 2.63 2.35 -9.36
N VAL C 38 1.65 2.81 -10.14
CA VAL C 38 1.32 4.22 -10.31
C VAL C 38 -0.16 4.43 -10.05
N GLN C 39 -0.49 5.54 -9.39
CA GLN C 39 -1.87 5.92 -9.04
C GLN C 39 -2.37 7.07 -9.92
N GLU C 40 -3.56 6.91 -10.49
CA GLU C 40 -4.17 7.96 -11.31
C GLU C 40 -5.32 8.59 -10.50
N LYS C 41 -5.16 9.87 -10.16
CA LYS C 41 -6.17 10.65 -9.43
C LYS C 41 -6.80 11.67 -10.42
N PRO C 42 -7.95 12.32 -10.08
CA PRO C 42 -8.60 13.29 -10.97
C PRO C 42 -7.78 14.40 -11.58
N ASP C 43 -8.18 14.76 -12.81
CA ASP C 43 -7.57 15.78 -13.68
C ASP C 43 -6.18 15.31 -14.16
N HIS C 44 -6.15 14.03 -14.56
CA HIS C 44 -4.97 13.33 -15.10
C HIS C 44 -3.67 13.41 -14.28
N LEU C 45 -3.81 13.36 -12.95
CA LEU C 45 -2.67 13.41 -12.03
C LEU C 45 -2.22 11.98 -11.73
N PHE C 46 -0.98 11.69 -12.11
CA PHE C 46 -0.38 10.38 -11.89
C PHE C 46 0.73 10.47 -10.85
N THR C 47 0.68 9.61 -9.84
CA THR C 47 1.67 9.58 -8.75
C THR C 47 2.19 8.16 -8.55
N GLY C 48 3.51 7.99 -8.72
CA GLY C 48 4.14 6.68 -8.56
C GLY C 48 4.11 6.31 -7.09
N LEU C 49 3.81 5.06 -6.79
CA LEU C 49 3.72 4.61 -5.39
C LEU C 49 4.78 3.61 -5.01
N ILE C 50 5.11 2.73 -5.96
CA ILE C 50 6.07 1.66 -5.73
C ILE C 50 7.05 1.54 -6.88
N GLY C 51 8.30 1.23 -6.52
CA GLY C 51 9.37 1.06 -7.48
C GLY C 51 9.75 -0.36 -7.80
N GLY C 52 10.71 -0.49 -8.72
CA GLY C 52 11.19 -1.78 -9.18
C GLY C 52 11.77 -2.76 -8.16
N ASN C 53 12.04 -2.28 -6.95
CA ASN C 53 12.56 -3.13 -5.88
C ASN C 53 11.66 -3.00 -4.67
N ASN C 54 10.36 -2.78 -4.96
CA ASN C 54 9.28 -2.62 -3.98
C ASN C 54 9.51 -1.46 -3.02
N ASN C 55 10.23 -0.47 -3.53
CA ASN C 55 10.60 0.73 -2.78
C ASN C 55 9.61 1.88 -2.97
N ARG C 56 9.36 2.60 -1.87
CA ARG C 56 8.42 3.72 -1.79
C ARG C 56 9.06 5.10 -1.92
N PRO C 57 8.39 6.06 -2.59
CA PRO C 57 8.89 7.43 -2.74
C PRO C 57 8.70 8.13 -1.39
N PRO C 58 9.44 9.23 -1.11
CA PRO C 58 9.32 9.96 0.16
C PRO C 58 7.92 10.34 0.64
N GLY C 59 7.10 10.90 -0.23
CA GLY C 59 5.75 11.32 0.15
C GLY C 59 4.66 10.26 0.20
N VAL C 60 4.98 9.01 -0.15
CA VAL C 60 4.03 7.91 -0.17
C VAL C 60 3.95 7.18 1.19
N PRO C 61 2.75 7.16 1.82
CA PRO C 61 2.50 6.52 3.12
C PRO C 61 2.90 5.04 3.17
N ALA C 62 3.25 4.58 4.38
CA ALA C 62 3.65 3.20 4.62
C ALA C 62 2.52 2.16 4.42
N ARG C 63 1.30 2.67 4.18
CA ARG C 63 0.09 1.87 3.92
C ARG C 63 0.28 1.09 2.62
N PHE C 64 1.01 1.70 1.68
CA PHE C 64 1.28 1.12 0.37
C PHE C 64 2.56 0.30 0.38
N SER C 65 2.46 -0.96 -0.02
CA SER C 65 3.63 -1.82 -0.10
C SER C 65 3.47 -2.76 -1.27
N GLY C 66 4.59 -3.08 -1.92
CA GLY C 66 4.59 -3.98 -3.05
C GLY C 66 5.25 -5.30 -2.71
N SER C 67 4.83 -6.37 -3.38
CA SER C 67 5.40 -7.70 -3.15
C SER C 67 5.10 -8.62 -4.31
N LEU C 68 5.72 -9.79 -4.26
CA LEU C 68 5.51 -10.82 -5.25
C LEU C 68 4.74 -11.92 -4.52
N ILE C 69 3.44 -12.01 -4.82
CA ILE C 69 2.55 -13.02 -4.24
C ILE C 69 2.27 -14.02 -5.35
N GLY C 70 2.72 -15.26 -5.12
CA GLY C 70 2.55 -16.34 -6.08
C GLY C 70 3.34 -16.09 -7.35
N ASP C 71 2.61 -16.03 -8.46
CA ASP C 71 3.16 -15.80 -9.79
C ASP C 71 2.85 -14.38 -10.28
N LYS C 72 2.30 -13.55 -9.39
CA LYS C 72 1.91 -12.18 -9.74
C LYS C 72 2.60 -11.12 -8.88
N ALA C 73 2.57 -9.87 -9.36
CA ALA C 73 3.11 -8.74 -8.61
C ALA C 73 1.90 -8.20 -7.87
N ALA C 74 2.09 -7.64 -6.68
CA ALA C 74 0.96 -7.15 -5.90
C ALA C 74 1.16 -5.85 -5.13
N LEU C 75 0.09 -5.05 -5.12
CA LEU C 75 0.09 -3.81 -4.36
C LEU C 75 -0.89 -3.98 -3.22
N THR C 76 -0.38 -3.82 -2.02
CA THR C 76 -1.18 -3.95 -0.83
C THR C 76 -1.36 -2.56 -0.24
N ILE C 77 -2.62 -2.17 -0.07
CA ILE C 77 -2.97 -0.88 0.52
C ILE C 77 -3.63 -1.20 1.86
N ALA C 78 -2.85 -1.05 2.93
CA ALA C 78 -3.31 -1.29 4.30
C ALA C 78 -4.00 -0.06 4.83
N GLY C 79 -4.99 -0.25 5.71
CA GLY C 79 -5.72 0.87 6.31
C GLY C 79 -6.27 1.89 5.33
N THR C 80 -7.02 1.42 4.35
CA THR C 80 -7.58 2.27 3.30
C THR C 80 -8.33 3.51 3.74
N GLN C 81 -8.18 4.56 2.93
CA GLN C 81 -8.79 5.85 3.19
C GLN C 81 -9.63 6.26 2.00
N THR C 82 -10.51 7.24 2.25
CA THR C 82 -11.40 7.79 1.23
C THR C 82 -10.59 8.37 0.05
N GLU C 83 -9.41 8.91 0.34
CA GLU C 83 -8.54 9.48 -0.67
C GLU C 83 -7.76 8.46 -1.50
N ASP C 84 -7.96 7.17 -1.22
CA ASP C 84 -7.30 6.10 -1.99
C ASP C 84 -8.14 5.73 -3.21
N GLU C 85 -9.37 6.27 -3.28
CA GLU C 85 -10.28 6.06 -4.41
C GLU C 85 -9.60 6.67 -5.64
N ALA C 86 -9.19 5.79 -6.55
CA ALA C 86 -8.46 6.17 -7.76
C ALA C 86 -8.31 4.95 -8.65
N ILE C 87 -7.52 5.09 -9.72
CA ILE C 87 -7.23 3.99 -10.65
C ILE C 87 -5.76 3.64 -10.42
N TYR C 88 -5.48 2.33 -10.36
CA TYR C 88 -4.13 1.84 -10.09
C TYR C 88 -3.53 1.04 -11.23
N PHE C 89 -2.41 1.53 -11.75
CA PHE C 89 -1.68 0.90 -12.85
C PHE C 89 -0.37 0.27 -12.42
N CYS C 90 -0.11 -0.93 -12.94
CA CYS C 90 1.18 -1.58 -12.67
C CYS C 90 1.90 -1.55 -13.99
N ALA C 91 3.21 -1.76 -13.95
CA ALA C 91 4.04 -1.77 -15.16
C ALA C 91 5.17 -2.76 -14.98
N LEU C 92 5.35 -3.64 -15.95
CA LEU C 92 6.40 -4.65 -15.91
C LEU C 92 7.45 -4.42 -17.01
N TRP C 93 8.71 -4.75 -16.69
CA TRP C 93 9.83 -4.61 -17.61
C TRP C 93 10.09 -5.94 -18.31
N TYR C 94 10.20 -5.90 -19.64
CA TYR C 94 10.44 -7.10 -20.45
C TYR C 94 11.71 -7.00 -21.28
N SER C 95 12.85 -7.06 -20.60
CA SER C 95 14.20 -7.01 -21.19
C SER C 95 14.63 -5.70 -21.88
N ASN C 96 13.76 -5.13 -22.70
CA ASN C 96 14.04 -3.90 -23.46
C ASN C 96 12.88 -2.90 -23.61
N HIS C 97 11.77 -3.13 -22.90
CA HIS C 97 10.60 -2.25 -22.96
C HIS C 97 9.68 -2.47 -21.75
N TRP C 98 8.90 -1.44 -21.40
CA TRP C 98 7.94 -1.49 -20.28
C TRP C 98 6.55 -1.69 -20.84
N VAL C 99 5.72 -2.41 -20.09
CA VAL C 99 4.33 -2.67 -20.47
C VAL C 99 3.43 -2.42 -19.27
N PHE C 100 2.50 -1.49 -19.45
CA PHE C 100 1.52 -1.17 -18.41
C PHE C 100 0.35 -2.14 -18.41
N GLY C 101 -0.26 -2.30 -17.24
CA GLY C 101 -1.46 -3.11 -17.12
C GLY C 101 -2.66 -2.26 -17.53
N GLY C 102 -3.85 -2.87 -17.59
CA GLY C 102 -5.05 -2.14 -17.97
C GLY C 102 -5.61 -1.27 -16.86
N GLY C 103 -5.09 -1.43 -15.64
CA GLY C 103 -5.53 -0.65 -14.50
C GLY C 103 -6.64 -1.26 -13.68
N THR C 104 -6.70 -0.88 -12.41
CA THR C 104 -7.72 -1.34 -11.47
C THR C 104 -8.36 -0.11 -10.83
N ARG C 105 -9.68 0.03 -10.98
CA ARG C 105 -10.42 1.14 -10.40
C ARG C 105 -10.78 0.73 -8.96
N LEU C 106 -10.31 1.49 -7.98
CA LEU C 106 -10.62 1.20 -6.57
C LEU C 106 -11.71 2.13 -6.06
N THR C 107 -12.80 1.54 -5.59
CA THR C 107 -13.93 2.29 -5.06
C THR C 107 -13.93 2.15 -3.55
N VAL C 108 -14.05 3.27 -2.84
CA VAL C 108 -14.12 3.24 -1.39
C VAL C 108 -15.60 3.37 -0.99
N LEU C 109 -16.11 2.33 -0.34
CA LEU C 109 -17.51 2.24 0.11
C LEU C 109 -17.85 3.08 1.33
N GLY C 110 -19.14 3.26 1.56
CA GLY C 110 -19.65 4.00 2.72
C GLY C 110 -19.59 5.51 2.69
N GLN C 111 -19.21 6.08 1.55
CA GLN C 111 -19.14 7.54 1.42
C GLN C 111 -20.57 8.08 1.39
N PRO C 112 -20.88 9.10 2.22
CA PRO C 112 -22.23 9.68 2.29
C PRO C 112 -22.73 10.37 1.03
N LYS C 113 -24.04 10.34 0.85
CA LYS C 113 -24.73 10.99 -0.28
C LYS C 113 -24.49 12.50 -0.14
N SER C 114 -24.24 13.16 -1.26
CA SER C 114 -24.02 14.60 -1.26
C SER C 114 -24.83 15.21 -2.39
N SER C 115 -25.74 16.10 -2.03
CA SER C 115 -26.62 16.79 -2.97
C SER C 115 -25.85 17.84 -3.80
N PRO C 116 -26.23 18.04 -5.09
CA PRO C 116 -25.54 19.01 -5.93
C PRO C 116 -25.69 20.49 -5.56
N SER C 117 -24.60 21.21 -5.78
CA SER C 117 -24.54 22.64 -5.54
C SER C 117 -24.69 23.20 -6.95
N VAL C 118 -25.85 23.80 -7.22
CA VAL C 118 -26.15 24.33 -8.54
C VAL C 118 -26.26 25.85 -8.59
N THR C 119 -25.64 26.42 -9.62
CA THR C 119 -25.63 27.86 -9.85
C THR C 119 -26.02 28.08 -11.30
N LEU C 120 -26.95 28.99 -11.54
CA LEU C 120 -27.38 29.32 -12.89
C LEU C 120 -26.98 30.74 -13.22
N PHE C 121 -26.19 30.87 -14.29
CA PHE C 121 -25.68 32.16 -14.74
C PHE C 121 -26.35 32.64 -16.03
N PRO C 122 -26.63 33.96 -16.12
CA PRO C 122 -27.27 34.53 -17.32
C PRO C 122 -26.21 34.86 -18.40
N PRO C 123 -26.64 35.10 -19.66
CA PRO C 123 -25.60 35.41 -20.65
C PRO C 123 -25.05 36.81 -20.38
N SER C 124 -23.76 36.98 -20.64
CA SER C 124 -23.11 38.27 -20.45
C SER C 124 -23.57 39.21 -21.55
N SER C 125 -23.43 40.51 -21.33
CA SER C 125 -23.83 41.50 -22.33
C SER C 125 -22.91 41.45 -23.55
N GLU C 126 -21.65 41.05 -23.35
CA GLU C 126 -20.66 40.94 -24.43
C GLU C 126 -21.01 39.83 -25.41
N GLU C 127 -21.57 38.73 -24.89
CA GLU C 127 -21.99 37.61 -25.74
C GLU C 127 -23.27 37.98 -26.47
N LEU C 128 -24.11 38.78 -25.81
CA LEU C 128 -25.37 39.24 -26.38
C LEU C 128 -25.17 40.10 -27.64
N GLU C 129 -24.03 40.77 -27.73
CA GLU C 129 -23.69 41.62 -28.88
C GLU C 129 -23.33 40.83 -30.14
N THR C 130 -23.01 39.55 -29.95
CA THR C 130 -22.65 38.63 -31.05
C THR C 130 -23.90 37.91 -31.55
N ASN C 131 -25.05 38.28 -30.99
CA ASN C 131 -26.38 37.74 -31.30
C ASN C 131 -26.64 36.37 -30.67
N LYS C 132 -25.83 36.02 -29.68
CA LYS C 132 -25.92 34.73 -29.00
C LYS C 132 -26.14 34.82 -27.50
N ALA C 133 -26.86 33.84 -26.97
CA ALA C 133 -27.14 33.77 -25.55
C ALA C 133 -26.90 32.36 -25.03
N THR C 134 -26.01 32.25 -24.05
CA THR C 134 -25.71 30.97 -23.43
C THR C 134 -25.93 31.09 -21.93
N LEU C 135 -26.82 30.26 -21.38
CA LEU C 135 -27.03 30.22 -19.93
C LEU C 135 -26.18 29.03 -19.50
N VAL C 136 -25.43 29.22 -18.40
CA VAL C 136 -24.56 28.17 -17.87
C VAL C 136 -25.10 27.74 -16.50
N CYS C 137 -25.37 26.45 -16.40
CA CYS C 137 -25.84 25.87 -15.15
C CYS C 137 -24.71 24.97 -14.66
N THR C 138 -23.97 25.45 -13.65
CA THR C 138 -22.84 24.70 -13.07
C THR C 138 -23.40 23.83 -11.97
N ILE C 139 -22.89 22.60 -11.87
CA ILE C 139 -23.36 21.60 -10.92
C ILE C 139 -22.15 20.98 -10.24
N THR C 140 -21.96 21.24 -8.94
CA THR C 140 -20.80 20.69 -8.23
C THR C 140 -21.11 19.93 -6.95
N ASP C 141 -20.09 19.27 -6.43
CA ASP C 141 -20.15 18.51 -5.19
C ASP C 141 -21.27 17.47 -5.00
N PHE C 142 -21.54 16.67 -6.02
CA PHE C 142 -22.55 15.62 -5.89
C PHE C 142 -21.97 14.20 -5.82
N TYR C 143 -22.55 13.38 -4.96
CA TYR C 143 -22.15 11.99 -4.77
C TYR C 143 -23.43 11.19 -4.48
N PRO C 144 -23.71 10.09 -5.26
CA PRO C 144 -23.02 9.43 -6.40
C PRO C 144 -22.96 10.30 -7.66
N GLY C 145 -22.01 9.99 -8.55
CA GLY C 145 -21.83 10.76 -9.77
C GLY C 145 -22.76 10.63 -10.95
N VAL C 146 -24.05 10.84 -10.70
CA VAL C 146 -25.06 10.75 -11.73
C VAL C 146 -26.17 11.77 -11.46
N VAL C 147 -26.37 12.62 -12.45
CA VAL C 147 -27.42 13.63 -12.44
C VAL C 147 -28.08 13.67 -13.82
N THR C 148 -29.32 14.13 -13.85
CA THR C 148 -30.07 14.30 -15.09
C THR C 148 -30.47 15.78 -15.03
N VAL C 149 -30.35 16.48 -16.16
CA VAL C 149 -30.70 17.89 -16.23
C VAL C 149 -31.83 18.15 -17.22
N ASP C 150 -32.78 18.96 -16.76
CA ASP C 150 -33.94 19.37 -17.55
C ASP C 150 -34.00 20.89 -17.47
N TRP C 151 -34.42 21.52 -18.56
CA TRP C 151 -34.55 22.97 -18.64
C TRP C 151 -35.97 23.38 -18.97
N LYS C 152 -36.40 24.51 -18.40
CA LYS C 152 -37.73 25.03 -18.64
C LYS C 152 -37.70 26.52 -18.92
N VAL C 153 -38.42 26.92 -19.96
CA VAL C 153 -38.51 28.32 -20.37
C VAL C 153 -40.00 28.69 -20.28
N ASP C 154 -40.31 29.67 -19.43
CA ASP C 154 -41.67 30.15 -19.17
C ASP C 154 -42.60 28.99 -18.75
N GLY C 155 -42.02 28.06 -18.00
CA GLY C 155 -42.72 26.88 -17.51
C GLY C 155 -42.77 25.73 -18.49
N THR C 156 -42.46 26.00 -19.76
CA THR C 156 -42.49 24.99 -20.83
C THR C 156 -41.17 24.21 -20.97
N PRO C 157 -41.23 22.86 -21.02
CA PRO C 157 -40.03 22.02 -21.16
C PRO C 157 -39.26 22.31 -22.46
N VAL C 158 -37.96 22.53 -22.34
CA VAL C 158 -37.11 22.79 -23.51
C VAL C 158 -36.72 21.44 -24.11
N THR C 159 -36.71 21.39 -25.44
CA THR C 159 -36.36 20.18 -26.18
C THR C 159 -35.19 20.42 -27.14
N GLN C 160 -34.72 21.67 -27.21
CA GLN C 160 -33.62 22.02 -28.11
C GLN C 160 -32.59 23.01 -27.60
N GLY C 161 -31.34 22.79 -28.02
CA GLY C 161 -30.22 23.65 -27.66
C GLY C 161 -29.63 23.43 -26.29
N MET C 162 -29.90 22.25 -25.72
CA MET C 162 -29.39 21.88 -24.40
C MET C 162 -28.26 20.87 -24.55
N GLU C 163 -27.21 21.07 -23.76
CA GLU C 163 -26.07 20.17 -23.75
C GLU C 163 -25.46 20.11 -22.35
N THR C 164 -25.50 18.92 -21.77
CA THR C 164 -24.98 18.64 -20.44
C THR C 164 -23.72 17.78 -20.57
N THR C 165 -22.70 18.12 -19.79
CA THR C 165 -21.45 17.36 -19.80
C THR C 165 -21.57 16.12 -18.92
N GLN C 166 -20.66 15.19 -19.18
CA GLN C 166 -20.54 13.95 -18.44
C GLN C 166 -19.94 14.31 -17.08
N PRO C 167 -20.39 13.67 -15.98
CA PRO C 167 -19.87 13.96 -14.64
C PRO C 167 -18.37 13.66 -14.53
N SER C 168 -17.63 14.68 -14.10
CA SER C 168 -16.18 14.61 -13.93
C SER C 168 -15.88 14.59 -12.43
N LYS C 169 -15.01 13.67 -12.02
CA LYS C 169 -14.63 13.49 -10.62
C LYS C 169 -13.71 14.58 -10.10
N GLN C 170 -14.07 15.11 -8.94
CA GLN C 170 -13.30 16.14 -8.24
C GLN C 170 -12.28 15.41 -7.35
N SER C 171 -11.33 16.18 -6.79
CA SER C 171 -10.30 15.64 -5.91
C SER C 171 -10.87 15.10 -4.59
N ASN C 172 -11.99 15.69 -4.13
CA ASN C 172 -12.65 15.25 -2.88
C ASN C 172 -13.61 14.04 -3.04
N ASN C 173 -13.50 13.35 -4.19
CA ASN C 173 -14.30 12.18 -4.61
C ASN C 173 -15.72 12.47 -5.09
N LYS C 174 -16.17 13.70 -4.88
CA LYS C 174 -17.49 14.14 -5.33
C LYS C 174 -17.40 14.48 -6.83
N TYR C 175 -18.54 14.73 -7.47
CA TYR C 175 -18.55 14.99 -8.90
C TYR C 175 -19.09 16.35 -9.30
N MET C 176 -18.76 16.73 -10.53
CA MET C 176 -19.17 17.99 -11.14
C MET C 176 -19.55 17.83 -12.61
N ALA C 177 -20.37 18.76 -13.09
CA ALA C 177 -20.86 18.77 -14.47
C ALA C 177 -21.44 20.15 -14.77
N SER C 178 -21.57 20.47 -16.06
CA SER C 178 -22.12 21.76 -16.46
C SER C 178 -23.12 21.56 -17.59
N SER C 179 -24.25 22.26 -17.49
CA SER C 179 -25.30 22.20 -18.51
C SER C 179 -25.40 23.55 -19.21
N TYR C 180 -25.61 23.51 -20.52
CA TYR C 180 -25.70 24.72 -21.35
C TYR C 180 -27.01 24.86 -22.12
N LEU C 181 -27.61 26.05 -22.07
CA LEU C 181 -28.81 26.34 -22.86
C LEU C 181 -28.36 27.43 -23.80
N THR C 182 -28.35 27.10 -25.09
CA THR C 182 -27.95 28.03 -26.12
C THR C 182 -29.17 28.50 -26.91
N LEU C 183 -29.29 29.81 -27.07
CA LEU C 183 -30.38 30.43 -27.82
C LEU C 183 -29.89 31.74 -28.42
N THR C 184 -30.67 32.32 -29.34
CA THR C 184 -30.33 33.61 -29.97
C THR C 184 -30.57 34.78 -29.00
N ALA C 185 -30.02 35.96 -29.29
CA ALA C 185 -30.25 37.15 -28.45
C ALA C 185 -31.73 37.54 -28.58
N ARG C 186 -32.27 37.31 -29.78
CA ARG C 186 -33.68 37.59 -30.11
C ARG C 186 -34.59 36.70 -29.24
N ALA C 187 -34.23 35.42 -29.10
CA ALA C 187 -35.01 34.47 -28.31
C ALA C 187 -34.89 34.78 -26.81
N TRP C 188 -33.71 35.26 -26.40
CA TRP C 188 -33.45 35.64 -25.00
C TRP C 188 -34.33 36.82 -24.60
N GLU C 189 -34.50 37.75 -25.55
CA GLU C 189 -35.31 38.96 -25.37
C GLU C 189 -36.80 38.67 -25.20
N ARG C 190 -37.30 37.74 -26.03
CA ARG C 190 -38.72 37.37 -26.03
C ARG C 190 -39.21 36.49 -24.88
N HIS C 191 -38.28 35.94 -24.09
CA HIS C 191 -38.66 35.10 -22.95
C HIS C 191 -38.25 35.70 -21.61
N SER C 192 -38.97 35.33 -20.56
CA SER C 192 -38.72 35.87 -19.23
C SER C 192 -38.19 34.94 -18.14
N SER C 193 -38.86 33.81 -17.94
CA SER C 193 -38.50 32.82 -16.92
C SER C 193 -37.62 31.68 -17.46
N TYR C 194 -36.46 31.46 -16.83
CA TYR C 194 -35.52 30.42 -17.24
C TYR C 194 -35.12 29.58 -16.06
N SER C 195 -35.27 28.26 -16.16
CA SER C 195 -34.88 27.40 -15.05
C SER C 195 -34.10 26.16 -15.43
N CYS C 196 -33.08 25.86 -14.63
CA CYS C 196 -32.23 24.69 -14.78
C CYS C 196 -32.60 23.75 -13.65
N GLN C 197 -33.06 22.55 -14.00
CA GLN C 197 -33.47 21.55 -13.01
C GLN C 197 -32.52 20.37 -12.99
N VAL C 198 -31.99 20.08 -11.81
CA VAL C 198 -31.04 18.99 -11.62
C VAL C 198 -31.61 17.92 -10.69
N THR C 199 -31.75 16.70 -11.21
CA THR C 199 -32.27 15.59 -10.43
C THR C 199 -31.13 14.69 -9.96
N HIS C 200 -31.11 14.40 -8.66
CA HIS C 200 -30.09 13.58 -8.05
C HIS C 200 -30.71 12.73 -6.96
N GLU C 201 -30.56 11.40 -7.11
CA GLU C 201 -31.07 10.38 -6.19
C GLU C 201 -32.54 10.61 -5.82
N GLY C 202 -33.36 10.85 -6.85
CA GLY C 202 -34.78 11.08 -6.68
C GLY C 202 -35.20 12.44 -6.16
N HIS C 203 -34.28 13.41 -6.08
CA HIS C 203 -34.58 14.76 -5.58
C HIS C 203 -34.18 15.81 -6.61
N THR C 204 -35.11 16.70 -6.95
CA THR C 204 -34.88 17.75 -7.94
C THR C 204 -34.63 19.11 -7.32
N VAL C 205 -33.55 19.75 -7.78
CA VAL C 205 -33.11 21.08 -7.32
C VAL C 205 -33.20 22.06 -8.49
N GLU C 206 -33.94 23.14 -8.30
CA GLU C 206 -34.08 24.14 -9.33
C GLU C 206 -33.39 25.47 -8.99
N LYS C 207 -32.82 26.10 -10.02
CA LYS C 207 -32.19 27.40 -9.93
C LYS C 207 -32.75 28.11 -11.14
N SER C 208 -33.10 29.38 -10.95
CA SER C 208 -33.72 30.18 -11.99
C SER C 208 -33.22 31.59 -12.20
N LEU C 209 -33.67 32.16 -13.33
CA LEU C 209 -33.43 33.54 -13.79
C LEU C 209 -34.81 34.04 -14.24
N SER C 210 -35.17 35.24 -13.81
CA SER C 210 -36.49 35.84 -14.07
C SER C 210 -36.32 37.36 -14.25
N PRO C 211 -37.42 38.15 -14.47
CA PRO C 211 -37.24 39.61 -14.60
C PRO C 211 -36.90 40.30 -13.28
N ALA C 212 -37.23 39.63 -12.17
CA ALA C 212 -36.99 40.11 -10.80
C ALA C 212 -35.52 39.96 -10.36
N GLU C 213 -34.65 39.72 -11.34
CA GLU C 213 -33.22 39.56 -11.12
C GLU C 213 -32.45 40.77 -11.69
N CYS C 214 -31.18 40.91 -11.28
CA CYS C 214 -30.28 41.98 -11.71
C CYS C 214 -29.83 41.76 -13.17
N SER C 215 -29.70 42.85 -13.92
CA SER C 215 -29.30 42.79 -15.33
C SER C 215 -28.35 43.92 -15.74
N GLN D 1 9.11 23.08 -7.51
CA GLN D 1 10.52 22.98 -8.04
C GLN D 1 10.71 21.66 -8.81
N VAL D 2 10.16 20.56 -8.30
CA VAL D 2 10.27 19.26 -8.97
C VAL D 2 9.06 19.04 -9.87
N LYS D 3 9.27 19.34 -11.16
CA LYS D 3 8.23 19.18 -12.17
C LYS D 3 8.77 18.97 -13.58
N LEU D 4 7.87 18.46 -14.44
CA LEU D 4 8.13 18.20 -15.85
C LEU D 4 7.08 19.04 -16.61
N GLN D 5 7.53 20.17 -17.16
CA GLN D 5 6.69 21.12 -17.91
C GLN D 5 6.72 20.77 -19.41
N GLU D 6 5.54 20.45 -19.93
CA GLU D 6 5.37 20.08 -21.33
C GLU D 6 4.82 21.22 -22.18
N SER D 7 5.18 21.22 -23.47
CA SER D 7 4.66 22.20 -24.41
C SER D 7 3.17 21.85 -24.70
N GLY D 8 2.33 22.88 -24.79
CA GLY D 8 0.90 22.72 -25.03
C GLY D 8 0.37 22.56 -26.45
N PRO D 9 1.01 23.14 -27.52
CA PRO D 9 0.47 22.97 -28.88
C PRO D 9 0.46 21.50 -29.34
N GLY D 10 -0.75 20.94 -29.45
CA GLY D 10 -0.90 19.55 -29.85
C GLY D 10 -1.66 19.27 -31.14
N LEU D 11 -1.93 20.29 -31.94
CA LEU D 11 -2.62 20.09 -33.21
C LEU D 11 -1.66 19.61 -34.30
N VAL D 12 -1.91 18.41 -34.82
CA VAL D 12 -1.09 17.85 -35.87
C VAL D 12 -1.96 17.46 -37.07
N GLN D 13 -1.55 17.87 -38.28
CA GLN D 13 -2.31 17.53 -39.49
C GLN D 13 -2.05 16.05 -39.80
N PRO D 14 -3.05 15.33 -40.38
CA PRO D 14 -2.86 13.90 -40.71
C PRO D 14 -1.65 13.65 -41.58
N SER D 15 -0.87 12.64 -41.17
CA SER D 15 0.39 12.17 -41.74
C SER D 15 1.60 13.06 -41.44
N GLN D 16 1.40 14.14 -40.67
CA GLN D 16 2.49 15.02 -40.27
C GLN D 16 3.06 14.61 -38.92
N SER D 17 4.10 15.32 -38.46
CA SER D 17 4.80 15.00 -37.23
C SER D 17 4.38 15.68 -35.94
N LEU D 18 4.60 14.97 -34.83
CA LEU D 18 4.31 15.47 -33.50
C LEU D 18 5.63 15.79 -32.80
N SER D 19 5.73 17.00 -32.26
CA SER D 19 6.91 17.46 -31.53
C SER D 19 6.52 17.97 -30.15
N ILE D 20 7.09 17.36 -29.10
CA ILE D 20 6.82 17.79 -27.71
C ILE D 20 8.15 17.92 -26.97
N THR D 21 8.25 18.99 -26.19
CA THR D 21 9.42 19.29 -25.38
C THR D 21 8.99 19.15 -23.92
N CYS D 22 9.74 18.37 -23.16
CA CYS D 22 9.48 18.16 -21.73
C CYS D 22 10.60 18.95 -21.04
N THR D 23 10.25 20.05 -20.38
CA THR D 23 11.25 20.85 -19.67
C THR D 23 11.20 20.51 -18.19
N VAL D 24 12.34 20.07 -17.75
CA VAL D 24 12.57 19.57 -16.40
C VAL D 24 13.16 20.61 -15.45
N SER D 25 12.76 20.54 -14.19
CA SER D 25 13.30 21.42 -13.13
C SER D 25 13.37 20.67 -11.80
N GLY D 26 14.32 21.07 -10.96
CA GLY D 26 14.50 20.47 -9.65
C GLY D 26 15.31 19.19 -9.62
N PHE D 27 15.68 18.69 -10.80
CA PHE D 27 16.49 17.49 -10.91
C PHE D 27 17.28 17.54 -12.20
N SER D 28 18.19 16.60 -12.34
CA SER D 28 19.05 16.52 -13.49
C SER D 28 18.75 15.31 -14.33
N LEU D 29 18.87 15.50 -15.63
CA LEU D 29 18.65 14.45 -16.62
C LEU D 29 19.79 13.46 -16.62
N THR D 30 20.87 13.80 -15.90
CA THR D 30 22.05 12.93 -15.76
C THR D 30 21.81 11.94 -14.63
N ASP D 31 20.77 12.19 -13.83
CA ASP D 31 20.40 11.29 -12.73
C ASP D 31 19.11 10.54 -13.04
N TYR D 32 18.32 11.09 -13.97
CA TYR D 32 17.01 10.55 -14.33
C TYR D 32 16.72 10.22 -15.76
N GLY D 33 16.01 9.10 -15.92
CA GLY D 33 15.53 8.70 -17.23
C GLY D 33 14.17 9.38 -17.37
N VAL D 34 13.76 9.67 -18.60
CA VAL D 34 12.44 10.29 -18.87
C VAL D 34 11.65 9.45 -19.89
N HIS D 35 10.52 8.94 -19.42
CA HIS D 35 9.61 8.11 -20.21
C HIS D 35 8.52 8.91 -20.91
N TRP D 36 7.98 8.32 -21.97
CA TRP D 36 6.90 8.90 -22.75
C TRP D 36 5.81 7.87 -22.81
N VAL D 37 4.66 8.25 -22.30
CA VAL D 37 3.47 7.40 -22.19
C VAL D 37 2.24 8.13 -22.72
N ARG D 38 1.36 7.42 -23.41
CA ARG D 38 0.13 8.04 -23.90
C ARG D 38 -1.12 7.36 -23.34
N GLN D 39 -2.24 8.07 -23.37
CA GLN D 39 -3.53 7.55 -22.90
C GLN D 39 -4.67 8.01 -23.81
N SER D 40 -5.16 7.06 -24.61
CA SER D 40 -6.27 7.26 -25.56
C SER D 40 -7.59 7.33 -24.79
N PRO D 41 -8.59 8.13 -25.28
CA PRO D 41 -9.89 8.23 -24.57
C PRO D 41 -10.56 6.85 -24.45
N GLY D 42 -10.87 6.47 -23.20
CA GLY D 42 -11.50 5.19 -22.94
C GLY D 42 -10.56 3.99 -22.77
N LYS D 43 -9.26 4.21 -22.96
CA LYS D 43 -8.25 3.16 -22.82
C LYS D 43 -7.28 3.48 -21.67
N GLY D 44 -6.39 2.53 -21.39
CA GLY D 44 -5.42 2.70 -20.32
C GLY D 44 -4.13 3.38 -20.76
N LEU D 45 -3.07 3.17 -19.99
CA LEU D 45 -1.77 3.75 -20.31
C LEU D 45 -0.99 2.89 -21.29
N GLU D 46 -0.33 3.55 -22.25
CA GLU D 46 0.48 2.85 -23.25
C GLU D 46 1.89 3.43 -23.25
N TRP D 47 2.85 2.62 -22.84
CA TRP D 47 4.25 3.04 -22.81
C TRP D 47 4.76 3.15 -24.24
N LEU D 48 5.36 4.29 -24.56
CA LEU D 48 5.90 4.56 -25.89
C LEU D 48 7.40 4.42 -25.95
N GLY D 49 8.09 5.02 -24.97
CA GLY D 49 9.54 4.97 -24.96
C GLY D 49 10.20 5.72 -23.84
N VAL D 50 11.53 5.70 -23.83
CA VAL D 50 12.33 6.34 -22.78
C VAL D 50 13.72 6.73 -23.22
N ILE D 51 14.27 7.76 -22.56
CA ILE D 51 15.67 8.14 -22.75
C ILE D 51 16.23 8.12 -21.34
N TRP D 52 17.10 7.15 -21.09
CA TRP D 52 17.73 6.97 -19.80
C TRP D 52 18.74 8.05 -19.50
N SER D 53 19.11 8.14 -18.23
CA SER D 53 20.08 9.15 -17.77
C SER D 53 21.40 9.16 -18.57
N GLY D 54 21.86 7.97 -18.95
CA GLY D 54 23.07 7.80 -19.72
C GLY D 54 22.92 8.04 -21.22
N GLY D 55 21.70 8.42 -21.66
CA GLY D 55 21.44 8.72 -23.05
C GLY D 55 20.89 7.60 -23.91
N GLY D 56 20.81 6.40 -23.36
CA GLY D 56 20.28 5.27 -24.11
C GLY D 56 18.78 5.37 -24.30
N THR D 57 18.27 4.78 -25.37
CA THR D 57 16.85 4.79 -25.68
C THR D 57 16.28 3.39 -25.89
N ALA D 58 14.98 3.26 -25.62
CA ALA D 58 14.21 2.02 -25.82
C ALA D 58 12.81 2.50 -26.21
N TYR D 59 12.21 1.81 -27.16
CA TYR D 59 10.89 2.14 -27.69
C TYR D 59 10.03 0.91 -27.79
N THR D 60 8.70 1.09 -27.77
CA THR D 60 7.80 -0.06 -27.95
C THR D 60 7.99 -0.46 -29.42
N ALA D 61 8.24 -1.75 -29.66
CA ALA D 61 8.50 -2.30 -30.99
C ALA D 61 7.64 -1.77 -32.14
N ALA D 62 6.33 -1.72 -31.90
CA ALA D 62 5.34 -1.24 -32.88
C ALA D 62 5.57 0.20 -33.34
N PHE D 63 6.30 0.96 -32.55
CA PHE D 63 6.61 2.35 -32.83
C PHE D 63 8.06 2.68 -33.24
N ILE D 64 8.99 1.70 -33.20
CA ILE D 64 10.42 1.94 -33.52
C ILE D 64 10.69 2.79 -34.77
N SER D 65 9.91 2.55 -35.80
CA SER D 65 10.00 3.27 -37.07
C SER D 65 9.35 4.67 -37.03
N ARG D 66 8.49 4.89 -36.04
CA ARG D 66 7.78 6.16 -35.87
C ARG D 66 8.36 7.13 -34.84
N LEU D 67 9.12 6.61 -33.88
CA LEU D 67 9.67 7.40 -32.77
C LEU D 67 11.13 7.82 -32.72
N ASN D 68 11.36 8.95 -32.05
CA ASN D 68 12.71 9.49 -31.82
C ASN D 68 12.61 10.36 -30.59
N ILE D 69 13.42 9.99 -29.60
CA ILE D 69 13.49 10.69 -28.34
C ILE D 69 14.96 11.05 -28.17
N TYR D 70 15.20 12.33 -27.92
CA TYR D 70 16.54 12.84 -27.71
C TYR D 70 16.47 13.87 -26.59
N LYS D 71 17.62 14.37 -26.16
CA LYS D 71 17.65 15.35 -25.08
C LYS D 71 18.85 16.25 -25.13
N ASP D 72 18.79 17.28 -24.28
CA ASP D 72 19.86 18.23 -24.12
C ASP D 72 20.04 18.36 -22.60
N ASN D 73 21.02 17.65 -22.04
CA ASN D 73 21.30 17.66 -20.58
C ASN D 73 21.54 19.07 -20.04
N SER D 74 22.29 19.90 -20.78
CA SER D 74 22.58 21.29 -20.36
C SER D 74 21.36 22.21 -20.28
N LYS D 75 20.32 21.93 -21.09
CA LYS D 75 19.11 22.74 -21.07
C LYS D 75 17.93 22.17 -20.29
N ASN D 76 18.12 21.02 -19.62
CA ASN D 76 17.06 20.34 -18.83
C ASN D 76 15.84 19.99 -19.72
N GLN D 77 16.10 19.70 -20.99
CA GLN D 77 15.04 19.40 -21.95
C GLN D 77 15.14 18.05 -22.66
N VAL D 78 14.00 17.37 -22.73
CA VAL D 78 13.87 16.10 -23.42
C VAL D 78 12.90 16.35 -24.56
N PHE D 79 13.24 15.86 -25.74
CA PHE D 79 12.41 16.05 -26.94
C PHE D 79 11.83 14.74 -27.46
N PHE D 80 10.53 14.77 -27.76
CA PHE D 80 9.78 13.63 -28.30
C PHE D 80 9.40 13.97 -29.71
N GLU D 81 9.62 13.03 -30.63
CA GLU D 81 9.25 13.22 -32.02
C GLU D 81 8.57 11.94 -32.50
N MET D 82 7.37 12.07 -33.05
CA MET D 82 6.62 10.94 -33.59
C MET D 82 6.12 11.37 -34.97
N ASN D 83 6.38 10.55 -35.99
CA ASN D 83 5.92 10.88 -37.34
C ASN D 83 4.66 10.14 -37.78
N SER D 84 4.12 10.60 -38.91
CA SER D 84 2.95 10.00 -39.57
C SER D 84 1.75 9.77 -38.68
N LEU D 85 1.32 10.84 -38.02
CA LEU D 85 0.17 10.75 -37.12
C LEU D 85 -1.12 10.53 -37.87
N GLN D 86 -1.94 9.59 -37.38
CA GLN D 86 -3.24 9.32 -37.97
C GLN D 86 -4.26 9.61 -36.85
N ALA D 87 -5.55 9.68 -37.19
CA ALA D 87 -6.62 9.98 -36.23
C ALA D 87 -6.61 9.17 -34.93
N ASN D 88 -6.21 7.91 -35.02
CA ASN D 88 -6.18 7.02 -33.86
C ASN D 88 -4.94 7.29 -32.95
N ASP D 89 -4.18 8.34 -33.26
CA ASP D 89 -3.04 8.77 -32.43
C ASP D 89 -3.48 9.92 -31.52
N THR D 90 -4.74 10.36 -31.67
CA THR D 90 -5.31 11.42 -30.82
C THR D 90 -5.33 10.85 -29.38
N ALA D 91 -4.63 11.53 -28.47
CA ALA D 91 -4.51 11.12 -27.08
C ALA D 91 -3.76 12.16 -26.27
N MET D 92 -3.66 11.89 -24.97
CA MET D 92 -2.91 12.69 -24.00
C MET D 92 -1.52 12.03 -23.96
N TYR D 93 -0.48 12.80 -24.19
CA TYR D 93 0.91 12.31 -24.19
C TYR D 93 1.65 12.89 -22.99
N TYR D 94 2.25 12.02 -22.20
CA TYR D 94 2.95 12.44 -20.98
C TYR D 94 4.42 12.10 -20.96
N CYS D 95 5.19 12.90 -20.23
CA CYS D 95 6.59 12.59 -19.97
C CYS D 95 6.59 12.31 -18.46
N ALA D 96 7.50 11.44 -18.03
CA ALA D 96 7.61 11.06 -16.62
C ALA D 96 9.02 10.68 -16.26
N ARG D 97 9.48 11.14 -15.10
CA ARG D 97 10.82 10.85 -14.62
C ARG D 97 10.87 9.46 -13.96
N ARG D 98 12.05 8.86 -13.98
CA ARG D 98 12.29 7.58 -13.30
C ARG D 98 13.80 7.47 -13.10
N GLY D 99 14.20 7.43 -11.83
CA GLY D 99 15.60 7.34 -11.46
C GLY D 99 16.16 5.94 -11.35
N SER D 100 17.42 5.88 -10.92
CA SER D 100 18.13 4.61 -10.73
C SER D 100 17.86 4.21 -9.28
N TYR D 101 18.08 2.93 -8.94
CA TYR D 101 17.89 2.42 -7.58
C TYR D 101 18.61 3.34 -6.58
N PRO D 102 17.94 3.76 -5.48
CA PRO D 102 16.57 3.48 -4.99
C PRO D 102 15.46 4.44 -5.40
N TYR D 103 15.63 5.11 -6.54
CA TYR D 103 14.63 6.06 -7.02
C TYR D 103 13.97 5.52 -8.29
N ASN D 104 14.01 4.20 -8.42
CA ASN D 104 13.49 3.48 -9.57
C ASN D 104 11.98 3.25 -9.58
N TYR D 105 11.26 4.36 -9.58
CA TYR D 105 9.79 4.43 -9.61
C TYR D 105 9.37 5.59 -10.50
N PHE D 106 8.17 5.53 -11.09
CA PHE D 106 7.64 6.63 -11.94
C PHE D 106 6.96 7.63 -11.00
N ASP D 107 7.73 8.33 -10.16
CA ASP D 107 7.10 9.27 -9.21
C ASP D 107 6.43 10.52 -9.75
N VAL D 108 7.17 11.37 -10.46
CA VAL D 108 6.61 12.63 -10.99
C VAL D 108 6.37 12.61 -12.52
N TRP D 109 5.16 13.02 -12.88
CA TRP D 109 4.68 13.06 -14.26
C TRP D 109 4.31 14.46 -14.68
N GLY D 110 4.40 14.74 -15.97
CA GLY D 110 4.01 16.04 -16.51
C GLY D 110 2.49 16.02 -16.60
N GLN D 111 1.82 17.16 -16.73
CA GLN D 111 0.35 17.11 -16.81
C GLN D 111 -0.18 16.69 -18.20
N GLY D 112 0.74 16.56 -19.15
CA GLY D 112 0.35 16.12 -20.48
C GLY D 112 0.05 17.13 -21.57
N THR D 113 0.26 16.66 -22.79
CA THR D 113 0.03 17.43 -23.99
C THR D 113 -1.14 16.74 -24.69
N THR D 114 -2.20 17.52 -24.92
CA THR D 114 -3.39 17.04 -25.59
C THR D 114 -3.14 17.15 -27.09
N VAL D 115 -3.01 15.99 -27.70
CA VAL D 115 -2.76 15.90 -29.13
C VAL D 115 -4.04 15.59 -29.87
N THR D 116 -4.31 16.43 -30.87
CA THR D 116 -5.49 16.27 -31.71
C THR D 116 -5.00 16.21 -33.16
N VAL D 117 -5.43 15.16 -33.87
CA VAL D 117 -5.06 14.99 -35.27
C VAL D 117 -6.26 15.41 -36.12
N SER D 118 -6.13 16.56 -36.78
CA SER D 118 -7.19 17.14 -37.60
C SER D 118 -6.69 18.15 -38.65
N SER D 119 -7.52 18.37 -39.67
CA SER D 119 -7.24 19.34 -40.73
C SER D 119 -7.88 20.68 -40.38
N ALA D 120 -8.72 20.68 -39.34
CA ALA D 120 -9.42 21.87 -38.85
C ALA D 120 -8.51 23.01 -38.38
N LYS D 121 -9.00 24.23 -38.60
CA LYS D 121 -8.33 25.48 -38.27
C LYS D 121 -8.26 25.76 -36.77
N THR D 122 -7.12 26.35 -36.34
CA THR D 122 -6.89 26.75 -34.96
C THR D 122 -7.71 28.03 -34.69
N THR D 123 -8.56 27.97 -33.66
CA THR D 123 -9.41 29.10 -33.30
C THR D 123 -9.22 29.49 -31.83
N PRO D 124 -8.95 30.78 -31.55
CA PRO D 124 -8.78 31.22 -30.16
C PRO D 124 -10.17 31.36 -29.49
N PRO D 125 -10.24 31.28 -28.14
CA PRO D 125 -11.56 31.40 -27.52
C PRO D 125 -12.01 32.84 -27.28
N SER D 126 -13.33 32.97 -27.12
CA SER D 126 -13.95 34.26 -26.79
C SER D 126 -14.31 34.04 -25.33
N VAL D 127 -13.71 34.83 -24.45
CA VAL D 127 -13.96 34.71 -23.02
C VAL D 127 -15.02 35.71 -22.54
N TYR D 128 -16.02 35.18 -21.86
CA TYR D 128 -17.13 35.97 -21.34
C TYR D 128 -17.26 35.80 -19.82
N PRO D 129 -17.53 36.91 -19.09
CA PRO D 129 -17.67 36.82 -17.64
C PRO D 129 -19.03 36.31 -17.19
N LEU D 130 -19.04 35.45 -16.18
CA LEU D 130 -20.29 34.94 -15.62
C LEU D 130 -20.42 35.53 -14.23
N ALA D 131 -21.34 36.49 -14.14
CA ALA D 131 -21.66 37.23 -12.92
C ALA D 131 -23.04 36.77 -12.45
N PRO D 132 -23.30 36.73 -11.12
CA PRO D 132 -24.61 36.30 -10.58
C PRO D 132 -25.83 37.06 -11.09
N GLY D 133 -26.99 36.42 -11.01
CA GLY D 133 -28.24 37.01 -11.42
C GLY D 133 -28.87 37.83 -10.30
N SER D 134 -28.48 37.54 -9.06
CA SER D 134 -29.02 38.26 -7.90
C SER D 134 -27.94 38.59 -6.86
N SER D 140 -23.50 32.52 2.70
CA SER D 140 -22.68 33.72 2.59
C SER D 140 -21.55 33.57 1.56
N MET D 141 -21.73 32.63 0.63
CA MET D 141 -20.75 32.37 -0.44
C MET D 141 -21.30 32.81 -1.80
N VAL D 142 -20.42 33.29 -2.67
CA VAL D 142 -20.80 33.74 -4.00
C VAL D 142 -19.96 33.03 -5.08
N THR D 143 -20.65 32.46 -6.06
CA THR D 143 -19.98 31.76 -7.14
C THR D 143 -19.92 32.62 -8.41
N LEU D 144 -18.71 32.81 -8.92
CA LEU D 144 -18.44 33.59 -10.14
C LEU D 144 -17.95 32.62 -11.20
N GLY D 145 -17.98 33.02 -12.47
CA GLY D 145 -17.53 32.13 -13.52
C GLY D 145 -16.97 32.76 -14.78
N CYS D 146 -16.51 31.91 -15.69
CA CYS D 146 -15.95 32.35 -16.97
C CYS D 146 -16.26 31.39 -18.08
N LEU D 147 -16.94 31.89 -19.12
CA LEU D 147 -17.29 31.11 -20.29
C LEU D 147 -16.18 31.28 -21.34
N VAL D 148 -15.58 30.15 -21.71
CA VAL D 148 -14.49 30.08 -22.67
C VAL D 148 -15.15 29.41 -23.89
N LYS D 149 -15.65 30.26 -24.78
CA LYS D 149 -16.42 29.84 -25.96
C LYS D 149 -15.73 29.74 -27.31
N GLY D 150 -16.05 28.67 -28.04
CA GLY D 150 -15.55 28.44 -29.39
C GLY D 150 -14.08 28.39 -29.74
N TYR D 151 -13.33 27.49 -29.09
CA TYR D 151 -11.89 27.34 -29.37
C TYR D 151 -11.59 25.99 -30.03
N PHE D 152 -10.44 25.92 -30.71
CA PHE D 152 -9.96 24.70 -31.37
C PHE D 152 -8.44 24.81 -31.49
N PRO D 153 -7.68 23.79 -31.03
CA PRO D 153 -8.11 22.54 -30.38
C PRO D 153 -8.00 22.66 -28.87
N GLU D 154 -8.21 21.53 -28.20
CA GLU D 154 -8.06 21.43 -26.74
C GLU D 154 -6.52 21.54 -26.51
N PRO D 155 -6.06 22.05 -25.34
CA PRO D 155 -6.85 22.54 -24.20
C PRO D 155 -6.70 24.04 -24.03
N VAL D 156 -7.33 24.52 -22.97
CA VAL D 156 -7.22 25.89 -22.51
C VAL D 156 -6.82 25.66 -21.04
N THR D 157 -6.15 26.62 -20.43
CA THR D 157 -5.79 26.52 -19.01
C THR D 157 -6.49 27.72 -18.38
N VAL D 158 -7.16 27.48 -17.25
CA VAL D 158 -7.87 28.57 -16.58
C VAL D 158 -7.41 28.76 -15.15
N THR D 159 -7.00 29.99 -14.83
CA THR D 159 -6.58 30.34 -13.48
C THR D 159 -7.43 31.52 -13.05
N TRP D 160 -7.45 31.79 -11.75
CA TRP D 160 -8.20 32.91 -11.19
C TRP D 160 -7.25 33.77 -10.35
N ASN D 161 -7.13 35.03 -10.76
CA ASN D 161 -6.25 36.06 -10.15
C ASN D 161 -4.78 35.68 -10.21
N SER D 162 -4.37 35.23 -11.41
CA SER D 162 -3.01 34.76 -11.73
C SER D 162 -2.59 33.54 -10.91
N GLY D 163 -3.59 32.85 -10.36
CA GLY D 163 -3.35 31.65 -9.57
C GLY D 163 -3.43 31.83 -8.07
N SER D 164 -3.57 33.08 -7.60
CA SER D 164 -3.64 33.39 -6.16
C SER D 164 -4.91 32.89 -5.49
N LEU D 165 -5.93 32.65 -6.31
CA LEU D 165 -7.22 32.14 -5.87
C LEU D 165 -7.24 30.71 -6.41
N SER D 166 -6.97 29.75 -5.53
CA SER D 166 -6.92 28.33 -5.89
C SER D 166 -8.00 27.49 -5.22
N SER D 167 -8.42 27.94 -4.04
CA SER D 167 -9.46 27.24 -3.29
C SER D 167 -10.85 27.57 -3.86
N GLY D 168 -11.69 26.53 -3.96
CA GLY D 168 -13.03 26.68 -4.47
C GLY D 168 -13.15 26.84 -5.99
N VAL D 169 -12.11 26.40 -6.71
CA VAL D 169 -12.09 26.49 -8.16
C VAL D 169 -12.57 25.19 -8.79
N HIS D 170 -13.42 25.32 -9.78
CA HIS D 170 -13.95 24.18 -10.52
C HIS D 170 -13.86 24.49 -12.01
N THR D 171 -13.17 23.62 -12.75
CA THR D 171 -13.03 23.76 -14.19
C THR D 171 -13.65 22.52 -14.83
N PHE D 172 -14.81 22.74 -15.43
CA PHE D 172 -15.65 21.71 -16.06
C PHE D 172 -15.19 21.21 -17.42
N PRO D 173 -15.61 19.98 -17.83
CA PRO D 173 -15.18 19.47 -19.14
C PRO D 173 -15.83 20.20 -20.32
N ALA D 174 -15.10 20.27 -21.41
CA ALA D 174 -15.57 20.93 -22.62
C ALA D 174 -16.60 20.15 -23.40
N VAL D 175 -17.46 20.89 -24.12
CA VAL D 175 -18.47 20.32 -24.99
C VAL D 175 -17.99 20.59 -26.41
N LEU D 176 -18.37 19.76 -27.36
CA LEU D 176 -17.92 19.92 -28.75
C LEU D 176 -19.05 20.02 -29.79
N GLN D 177 -18.89 20.99 -30.70
CA GLN D 177 -19.81 21.26 -31.81
C GLN D 177 -19.08 21.95 -32.97
N SER D 178 -19.21 21.37 -34.18
CA SER D 178 -18.61 21.88 -35.43
C SER D 178 -17.12 22.26 -35.32
N ASP D 179 -16.36 21.37 -34.69
CA ASP D 179 -14.91 21.53 -34.43
C ASP D 179 -14.57 22.76 -33.57
N LEU D 180 -15.48 23.11 -32.67
CA LEU D 180 -15.28 24.23 -31.74
C LEU D 180 -15.70 23.74 -30.36
N TYR D 181 -14.81 23.93 -29.39
CA TYR D 181 -15.04 23.52 -28.01
C TYR D 181 -15.47 24.69 -27.15
N THR D 182 -16.22 24.41 -26.10
CA THR D 182 -16.68 25.41 -25.15
C THR D 182 -16.61 24.79 -23.77
N LEU D 183 -16.08 25.56 -22.83
CA LEU D 183 -15.92 25.13 -21.46
C LEU D 183 -16.18 26.31 -20.52
N SER D 184 -16.41 26.00 -19.25
CA SER D 184 -16.62 27.00 -18.23
C SER D 184 -15.78 26.66 -17.01
N SER D 185 -15.47 27.70 -16.23
CA SER D 185 -14.71 27.57 -15.01
C SER D 185 -15.38 28.45 -13.97
N SER D 186 -15.41 27.98 -12.73
CA SER D 186 -16.01 28.76 -11.65
C SER D 186 -15.16 28.85 -10.39
N VAL D 187 -15.42 29.87 -9.57
CA VAL D 187 -14.71 30.09 -8.30
C VAL D 187 -15.68 30.54 -7.21
N THR D 188 -15.57 29.94 -6.04
CA THR D 188 -16.44 30.32 -4.94
C THR D 188 -15.65 31.02 -3.82
N VAL D 189 -15.92 32.33 -3.71
CA VAL D 189 -15.33 33.23 -2.73
C VAL D 189 -16.43 33.77 -1.79
N PRO D 190 -16.08 34.20 -0.54
CA PRO D 190 -17.15 34.72 0.34
C PRO D 190 -17.73 36.05 -0.15
N SER D 191 -19.02 36.26 0.12
CA SER D 191 -19.75 37.47 -0.31
C SER D 191 -19.22 38.85 0.14
N SER D 192 -18.33 38.85 1.13
CA SER D 192 -17.74 40.08 1.63
C SER D 192 -16.42 40.44 0.92
N THR D 193 -15.92 39.53 0.08
CA THR D 193 -14.67 39.72 -0.67
C THR D 193 -14.92 40.11 -2.14
N TRP D 194 -16.18 40.02 -2.56
CA TRP D 194 -16.61 40.39 -3.90
C TRP D 194 -17.98 41.06 -3.72
N PRO D 195 -18.21 42.24 -4.34
CA PRO D 195 -17.45 43.14 -5.24
C PRO D 195 -16.29 43.97 -4.68
N SER D 196 -15.90 43.70 -3.43
CA SER D 196 -14.81 44.41 -2.74
C SER D 196 -13.47 44.29 -3.47
N GLU D 197 -13.02 43.06 -3.70
CA GLU D 197 -11.77 42.78 -4.40
C GLU D 197 -12.00 42.39 -5.85
N THR D 198 -10.95 42.51 -6.66
CA THR D 198 -10.97 42.20 -8.08
C THR D 198 -10.75 40.71 -8.36
N VAL D 199 -11.78 40.05 -8.90
CA VAL D 199 -11.71 38.65 -9.28
C VAL D 199 -11.69 38.62 -10.81
N THR D 200 -10.56 38.12 -11.34
CA THR D 200 -10.30 38.03 -12.77
C THR D 200 -9.95 36.59 -13.16
N CYS D 201 -10.45 36.15 -14.32
CA CYS D 201 -10.09 34.81 -14.80
C CYS D 201 -9.11 34.98 -15.93
N ASN D 202 -8.05 34.16 -15.89
CA ASN D 202 -6.99 34.19 -16.88
C ASN D 202 -7.08 32.89 -17.67
N VAL D 203 -7.36 33.06 -18.96
CA VAL D 203 -7.52 31.94 -19.86
C VAL D 203 -6.39 31.94 -20.91
N ALA D 204 -5.69 30.81 -21.01
CA ALA D 204 -4.62 30.65 -21.98
C ALA D 204 -4.93 29.53 -22.96
N HIS D 205 -4.68 29.77 -24.24
CA HIS D 205 -4.91 28.78 -25.28
C HIS D 205 -3.61 28.69 -26.07
N PRO D 206 -2.68 27.80 -25.63
CA PRO D 206 -1.35 27.59 -26.25
C PRO D 206 -1.27 27.35 -27.75
N ALA D 207 -2.27 26.70 -28.31
CA ALA D 207 -2.31 26.40 -29.75
C ALA D 207 -2.44 27.63 -30.64
N SER D 208 -2.96 28.72 -30.06
CA SER D 208 -3.13 30.01 -30.76
C SER D 208 -2.25 31.10 -30.13
N SER D 209 -1.43 30.69 -29.16
CA SER D 209 -0.51 31.56 -28.40
C SER D 209 -1.15 32.80 -27.75
N THR D 210 -2.43 32.66 -27.41
CA THR D 210 -3.19 33.73 -26.79
C THR D 210 -3.41 33.51 -25.30
N LYS D 211 -3.64 34.61 -24.58
CA LYS D 211 -3.89 34.63 -23.14
C LYS D 211 -4.74 35.87 -22.92
N VAL D 212 -5.93 35.68 -22.38
CA VAL D 212 -6.86 36.78 -22.12
C VAL D 212 -7.24 36.83 -20.64
N ASP D 213 -7.42 38.05 -20.13
CA ASP D 213 -7.83 38.29 -18.75
C ASP D 213 -9.23 38.90 -18.84
N LYS D 214 -10.12 38.53 -17.91
CA LYS D 214 -11.49 39.05 -17.89
C LYS D 214 -12.01 39.26 -16.48
N LYS D 215 -12.21 40.52 -16.11
CA LYS D 215 -12.70 40.93 -14.79
C LYS D 215 -14.21 40.73 -14.64
N ILE D 216 -14.61 40.19 -13.50
CA ILE D 216 -16.02 39.94 -13.20
C ILE D 216 -16.66 41.18 -12.54
N VAL D 217 -17.46 41.89 -13.32
CA VAL D 217 -18.17 43.11 -12.91
C VAL D 217 -19.59 42.71 -12.48
N PRO D 218 -20.13 43.30 -11.38
CA PRO D 218 -21.49 42.95 -10.93
C PRO D 218 -22.57 43.55 -11.81
N ARG D 219 -23.73 42.88 -11.82
CA ARG D 219 -24.89 43.34 -12.58
C ARG D 219 -25.68 44.32 -11.70
N ASP D 220 -26.28 45.33 -12.32
CA ASP D 220 -27.06 46.34 -11.61
C ASP D 220 -28.46 45.81 -11.25
CL CL E . -22.99 -30.73 21.82
C1 DOF F . -21.44 -27.78 25.06
C2 DOF F . -21.38 -29.26 25.42
C3 DOF F . -20.15 -31.28 25.70
C4 DOF F . -19.56 -31.83 24.46
C5 DOF F . -18.46 -31.42 22.41
C6 DOF F . -18.95 -30.25 21.61
C7 DOF F . -19.61 -27.91 21.68
C8 DOF F . -20.76 -27.84 22.67
C9 DOF F . -20.07 -25.94 24.22
C10 DOF F . -18.66 -25.51 23.82
C11 DOF F . -19.81 -29.48 27.28
C12 DOF F . -19.32 -28.05 27.51
C13 DOF F . -17.10 -31.80 24.32
C14 DOF F . -16.77 -31.65 25.83
C15 DOF F . -17.29 -28.34 21.34
C16 DOF F . -15.95 -28.84 21.94
C17 DOF F . -22.96 -27.40 24.69
C18 DOF F . -23.96 -27.71 25.83
C19 DOF F . -25.17 -28.44 25.58
C20 DOF F . -26.07 -28.73 26.65
C21 DOF F . -25.81 -28.31 28.02
C22 DOF F . -24.59 -27.58 28.23
C23 DOF F . -23.70 -27.28 27.18
N1 DOF F . -20.35 -27.42 24.09
N2 DOF F . -20.08 -29.80 25.83
N3 DOF F . -18.37 -31.16 23.87
N4 DOF F . -18.54 -28.86 22.05
N5 DOF F . -26.69 -28.60 29.07
O1 DOF F . -17.78 -26.35 23.77
O2 DOF F . -18.46 -24.31 23.58
O3 DOF F . -18.44 -27.58 26.73
O4 DOF F . -19.81 -27.38 28.44
O5 DOF F . -17.11 -30.63 26.37
O6 DOF F . -16.11 -32.63 26.38
O7 DOF F . -15.95 -29.30 23.09
O8 DOF F . -14.94 -28.76 21.22
O9 DOF F . -27.73 -29.24 28.82
O10 DOF F . -26.39 -28.21 30.21
GD GD3 G . -17.92 -28.63 24.63
CL CL H . 19.51 -4.19 -16.51
C1 NAG I . -3.77 2.91 -35.40
C2 NAG I . -3.74 1.64 -34.45
C3 NAG I . -2.44 0.83 -34.76
C4 NAG I . -2.52 0.41 -36.25
C5 NAG I . -2.59 1.71 -37.18
C6 NAG I . -2.71 1.32 -38.63
C7 NAG I . -4.75 2.04 -32.13
C8 NAG I . -4.40 2.68 -30.86
N2 NAG I . -3.77 2.13 -33.08
O3 NAG I . -2.33 -0.36 -33.95
O4 NAG I . -1.30 -0.31 -36.51
O5 NAG I . -3.79 2.45 -36.77
O6 NAG I . -2.77 2.40 -39.55
O7 NAG I . -5.80 1.52 -32.24
C1 DOF J . 18.50 -2.01 -12.96
C2 DOF J . 19.61 -1.54 -13.87
C3 DOF J . 20.44 0.27 -15.41
C4 DOF J . 19.75 -0.01 -16.73
C5 DOF J . 17.65 -0.13 -17.91
C6 DOF J . 16.76 -1.25 -17.38
C7 DOF J . 15.63 -2.23 -15.52
C8 DOF J . 16.73 -2.64 -14.58
C9 DOF J . 16.16 -1.68 -12.36
C10 DOF J . 14.97 -0.69 -12.51
C11 DOF J . 19.97 0.78 -13.17
C12 DOF J . 18.88 1.07 -12.11
C13 DOF J . 18.50 2.01 -17.29
C14 DOF J . 18.86 3.06 -16.28
C15 DOF J . 14.63 -0.38 -16.70
C16 DOF J . 14.69 1.10 -17.00
C17 DOF J . 18.74 -3.51 -12.58
C18 DOF J . 20.02 -3.72 -11.78
C19 DOF J . 21.01 -4.62 -12.24
C20 DOF J . 22.21 -4.80 -11.51
C21 DOF J . 22.47 -4.09 -10.28
C22 DOF J . 21.45 -3.18 -9.83
C23 DOF J . 20.26 -3.01 -10.56
N1 DOF J . 17.13 -1.67 -13.51
N2 DOF J . 19.57 -0.11 -14.29
N3 DOF J . 18.38 0.61 -16.83
N4 DOF J . 15.89 -0.95 -16.21
N5 DOF J . 23.64 -4.27 -9.59
O1 DOF J . 15.03 0.18 -13.34
O2 DOF J . 14.00 -0.89 -11.69
O3 DOF J . 17.71 1.24 -12.49
O4 DOF J . 19.25 1.12 -10.90
O5 DOF J . 18.36 2.96 -15.16
O6 DOF J . 19.65 3.98 -16.61
O7 DOF J . 15.80 1.64 -17.25
O8 DOF J . 13.58 1.76 -17.00
O9 DOF J . 24.46 -5.06 -10.05
O10 DOF J . 23.81 -3.63 -8.54
GD GD3 K . 17.04 0.84 -14.60
#